data_5MJ7
#
_entry.id   5MJ7
#
_cell.length_a   84.578
_cell.length_b   84.578
_cell.length_c   260.911
_cell.angle_alpha   90.00
_cell.angle_beta   90.00
_cell.angle_gamma   90.00
#
_symmetry.space_group_name_H-M   'P 41 21 2'
#
loop_
_entity.id
_entity.type
_entity.pdbx_description
1 polymer 'Uncharacterized protein'
2 non-polymer 'CALCIUM ION'
3 non-polymer 2-AMINO-2-HYDROXYMETHYL-PROPANE-1,3-DIOL
4 water water
#
_entity_poly.entity_id   1
_entity_poly.type   'polypeptide(L)'
_entity_poly.pdbx_seq_one_letter_code
;MRGSHHHHHHGSTVDKVKLVIDSDGVSDDVRAISLALQHPKAEILAFTAVHGCVTVDQACANIKRTIRANDRSNIPVYKG
AAKSILSLPKDDTVSDFFGIDGIGDKPEEFPKVERSDFEGEGKHASLALIDILRENRDATLVTIGPLTNVAIALQLCEEF
STYPSRLVIMGGNYYAVGNVDGGSSAEYNFHGDPEAASIVLRRMKCPITIVPWEAFYFESKTHDASVDFSAHLKYGTPLA
NYLSLATSIGRVKCEANGRQYSYCDEIAVATAIDEDKIAKKSQYLYVDVELNGTKTRGQVVVDWTEQLWSNEEAPNQHTH
RRVKFVTSYDVHTVDKWLHAATSGSGKFD
;
_entity_poly.pdbx_strand_id   A,B
#
loop_
_chem_comp.id
_chem_comp.type
_chem_comp.name
_chem_comp.formula
CA non-polymer 'CALCIUM ION' 'Ca 2'
TRS non-polymer 2-AMINO-2-HYDROXYMETHYL-PROPANE-1,3-DIOL 'C4 H12 N O3 1'
#
# COMPACT_ATOMS: atom_id res chain seq x y z
N ASP A 15 -6.41 10.40 33.31
CA ASP A 15 -5.50 11.56 33.08
C ASP A 15 -4.13 11.15 32.50
N LYS A 16 -3.89 9.86 32.36
CA LYS A 16 -2.81 9.37 31.48
C LYS A 16 -3.19 9.53 30.00
N VAL A 17 -2.19 9.79 29.18
CA VAL A 17 -2.35 9.81 27.72
CA VAL A 17 -2.42 9.78 27.73
C VAL A 17 -1.87 8.48 27.18
N LYS A 18 -2.73 7.74 26.49
CA LYS A 18 -2.34 6.48 25.89
C LYS A 18 -1.72 6.72 24.50
N LEU A 19 -0.55 6.16 24.29
CA LEU A 19 0.26 6.40 23.09
C LEU A 19 0.55 5.10 22.35
N VAL A 20 0.58 5.19 21.02
CA VAL A 20 1.28 4.24 20.19
C VAL A 20 2.29 5.04 19.38
N ILE A 21 3.55 4.63 19.39
CA ILE A 21 4.62 5.35 18.72
C ILE A 21 5.17 4.49 17.59
N ASP A 22 5.18 5.09 16.39
CA ASP A 22 5.70 4.46 15.16
C ASP A 22 6.99 5.18 14.79
N SER A 23 8.07 4.45 14.62
CA SER A 23 9.41 5.04 14.62
C SER A 23 10.41 4.25 13.77
N ASP A 24 11.39 4.94 13.20
CA ASP A 24 12.53 4.30 12.54
C ASP A 24 13.77 4.20 13.43
N GLY A 25 13.65 4.55 14.70
CA GLY A 25 14.58 4.05 15.72
C GLY A 25 16.01 4.54 15.66
N VAL A 26 16.24 5.77 15.20
CA VAL A 26 17.61 6.33 15.23
C VAL A 26 17.78 7.28 16.43
N SER A 27 18.88 8.00 16.48
CA SER A 27 19.32 8.70 17.69
CA SER A 27 19.34 8.72 17.67
C SER A 27 18.23 9.53 18.34
N ASP A 28 17.57 10.41 17.60
CA ASP A 28 16.53 11.22 18.20
C ASP A 28 15.28 10.41 18.53
N ASP A 29 14.93 9.44 17.70
CA ASP A 29 13.81 8.55 18.03
C ASP A 29 14.01 7.91 19.39
N VAL A 30 15.20 7.40 19.65
CA VAL A 30 15.39 6.65 20.90
C VAL A 30 15.38 7.57 22.11
N ARG A 31 15.82 8.81 21.94
CA ARG A 31 15.69 9.80 23.00
C ARG A 31 14.22 10.17 23.23
N ALA A 32 13.47 10.34 22.14
CA ALA A 32 12.05 10.60 22.20
C ALA A 32 11.29 9.47 22.90
N ILE A 33 11.58 8.22 22.54
CA ILE A 33 10.97 7.06 23.15
C ILE A 33 11.32 6.98 24.64
N SER A 34 12.54 7.38 24.98
CA SER A 34 12.96 7.36 26.40
C SER A 34 12.13 8.39 27.18
N LEU A 35 11.91 9.56 26.59
CA LEU A 35 11.08 10.57 27.20
C LEU A 35 9.70 10.00 27.51
N ALA A 36 9.12 9.30 26.54
CA ALA A 36 7.76 8.74 26.71
C ALA A 36 7.73 7.64 27.77
N LEU A 37 8.79 6.83 27.83
CA LEU A 37 8.87 5.76 28.82
C LEU A 37 9.05 6.26 30.23
N GLN A 38 9.58 7.47 30.40
CA GLN A 38 9.83 7.99 31.74
C GLN A 38 8.77 8.97 32.24
N HIS A 39 7.96 9.52 31.33
CA HIS A 39 7.04 10.60 31.69
C HIS A 39 5.82 9.99 32.37
N PRO A 40 5.51 10.44 33.57
CA PRO A 40 4.45 9.77 34.32
C PRO A 40 3.04 9.93 33.72
N LYS A 41 2.85 10.87 32.80
CA LYS A 41 1.56 11.08 32.15
C LYS A 41 1.35 10.13 30.97
N ALA A 42 2.37 9.41 30.54
CA ALA A 42 2.30 8.65 29.32
C ALA A 42 2.08 7.18 29.62
N GLU A 43 1.17 6.57 28.87
CA GLU A 43 0.98 5.13 28.92
C GLU A 43 1.18 4.56 27.52
N ILE A 44 2.25 3.81 27.33
CA ILE A 44 2.62 3.31 26.03
C ILE A 44 2.01 1.95 25.77
N LEU A 45 1.12 1.90 24.79
CA LEU A 45 0.46 0.67 24.47
C LEU A 45 1.36 -0.27 23.66
N ALA A 46 2.10 0.30 22.72
CA ALA A 46 2.92 -0.48 21.78
C ALA A 46 3.85 0.45 21.06
N PHE A 47 4.89 -0.12 20.49
CA PHE A 47 5.70 0.54 19.50
C PHE A 47 5.58 -0.20 18.18
N THR A 48 5.62 0.54 17.09
CA THR A 48 5.67 -0.04 15.77
C THR A 48 6.91 0.48 15.03
N ALA A 49 7.67 -0.43 14.44
CA ALA A 49 8.88 -0.05 13.74
C ALA A 49 8.62 0.10 12.24
N VAL A 50 9.23 1.11 11.65
CA VAL A 50 9.15 1.39 10.22
C VAL A 50 10.57 1.61 9.67
N HIS A 51 10.75 1.25 8.42
CA HIS A 51 11.96 1.66 7.73
C HIS A 51 12.13 3.15 7.74
N GLY A 52 13.36 3.60 7.65
CA GLY A 52 13.60 5.02 7.52
C GLY A 52 15.06 5.30 7.35
N CYS A 53 15.65 5.91 8.37
CA CYS A 53 17.07 6.23 8.33
CA CYS A 53 17.07 6.21 8.35
C CYS A 53 17.88 4.93 8.43
N VAL A 54 17.32 3.92 9.10
CA VAL A 54 17.87 2.59 9.03
C VAL A 54 16.82 1.60 8.54
N THR A 55 17.21 0.35 8.38
CA THR A 55 16.26 -0.69 7.98
C THR A 55 15.25 -0.92 9.10
N VAL A 56 14.12 -1.54 8.73
CA VAL A 56 13.08 -1.81 9.70
C VAL A 56 13.56 -2.81 10.76
N ASP A 57 14.43 -3.74 10.37
CA ASP A 57 14.95 -4.71 11.32
C ASP A 57 15.79 -3.97 12.39
N GLN A 58 16.63 -3.05 11.93
CA GLN A 58 17.47 -2.29 12.85
C GLN A 58 16.63 -1.37 13.71
N ALA A 59 15.60 -0.77 13.12
CA ALA A 59 14.69 0.09 13.90
C ALA A 59 14.06 -0.70 15.05
N CYS A 60 13.53 -1.87 14.74
CA CYS A 60 12.99 -2.80 15.73
C CYS A 60 13.99 -3.09 16.84
N ALA A 61 15.21 -3.43 16.47
CA ALA A 61 16.26 -3.74 17.41
C ALA A 61 16.59 -2.55 18.31
N ASN A 62 16.63 -1.36 17.73
CA ASN A 62 16.96 -0.18 18.50
C ASN A 62 15.86 0.17 19.49
N ILE A 63 14.61 -0.03 19.09
CA ILE A 63 13.51 0.26 19.99
C ILE A 63 13.53 -0.72 21.17
N LYS A 64 13.73 -2.01 20.88
CA LYS A 64 13.75 -3.00 21.95
C LYS A 64 14.91 -2.75 22.90
N ARG A 65 16.08 -2.40 22.37
CA ARG A 65 17.22 -2.06 23.20
C ARG A 65 16.95 -0.86 24.09
N THR A 66 16.20 0.11 23.55
CA THR A 66 15.85 1.31 24.30
C THR A 66 14.89 1.05 25.46
N ILE A 67 13.95 0.14 25.25
CA ILE A 67 13.04 -0.30 26.34
C ILE A 67 13.85 -0.85 27.53
N ARG A 68 14.82 -1.71 27.24
CA ARG A 68 15.67 -2.26 28.29
C ARG A 68 16.47 -1.16 28.99
N ALA A 69 17.01 -0.22 28.22
CA ALA A 69 17.80 0.88 28.78
C ALA A 69 16.99 1.70 29.77
N ASN A 70 15.67 1.73 29.55
CA ASN A 70 14.75 2.46 30.40
C ASN A 70 14.18 1.63 31.56
N ASP A 71 14.72 0.44 31.75
CA ASP A 71 14.29 -0.45 32.83
C ASP A 71 12.79 -0.71 32.73
N ARG A 72 12.33 -0.94 31.50
CA ARG A 72 10.94 -1.35 31.27
CA ARG A 72 10.95 -1.35 31.27
C ARG A 72 10.91 -2.71 30.59
N SER A 73 9.74 -3.34 30.59
CA SER A 73 9.53 -4.62 29.92
C SER A 73 8.07 -4.79 29.56
N ASN A 74 7.77 -5.82 28.78
CA ASN A 74 6.39 -6.18 28.49
C ASN A 74 5.63 -5.11 27.73
N ILE A 75 6.34 -4.41 26.85
CA ILE A 75 5.72 -3.53 25.87
C ILE A 75 6.02 -4.13 24.49
N PRO A 76 4.98 -4.40 23.72
CA PRO A 76 5.23 -5.07 22.44
C PRO A 76 5.77 -4.13 21.39
N VAL A 77 6.67 -4.66 20.58
CA VAL A 77 7.22 -3.92 19.46
C VAL A 77 6.92 -4.73 18.20
N TYR A 78 6.16 -4.14 17.28
CA TYR A 78 5.78 -4.81 16.05
C TYR A 78 6.62 -4.27 14.91
N LYS A 79 7.11 -5.18 14.09
CA LYS A 79 7.88 -4.81 12.92
C LYS A 79 6.96 -4.54 11.75
N GLY A 80 7.19 -3.43 11.06
CA GLY A 80 6.39 -3.05 9.94
C GLY A 80 7.14 -3.03 8.63
N ALA A 81 6.81 -2.05 7.81
CA ALA A 81 7.22 -2.02 6.42
C ALA A 81 8.73 -1.93 6.26
N ALA A 82 9.30 -2.77 5.39
CA ALA A 82 10.72 -2.75 5.08
C ALA A 82 11.05 -1.71 4.04
N LYS A 83 10.05 -1.39 3.23
CA LYS A 83 10.24 -0.46 2.10
C LYS A 83 9.12 0.57 2.09
N SER A 84 9.35 1.68 1.39
CA SER A 84 8.26 2.58 1.07
C SER A 84 7.27 1.90 0.13
N ILE A 85 6.09 2.50 0.00
CA ILE A 85 5.03 1.94 -0.85
C ILE A 85 5.57 1.58 -2.22
N LEU A 86 6.23 2.52 -2.88
CA LEU A 86 6.69 2.28 -4.25
C LEU A 86 8.09 1.69 -4.29
N SER A 87 8.87 2.01 -3.27
CA SER A 87 10.29 1.64 -3.19
C SER A 87 11.04 2.21 -4.39
N LEU A 88 10.85 3.49 -4.69
CA LEU A 88 11.65 4.16 -5.74
C LEU A 88 13.00 4.60 -5.19
N PRO A 89 14.08 4.34 -5.93
CA PRO A 89 15.43 4.65 -5.42
C PRO A 89 15.68 6.13 -5.10
N LYS A 90 15.07 7.02 -5.88
CA LYS A 90 15.24 8.46 -5.64
C LYS A 90 14.67 8.93 -4.29
N ASP A 91 13.79 8.12 -3.68
CA ASP A 91 13.16 8.52 -2.42
C ASP A 91 13.98 8.11 -1.22
N ASP A 92 14.99 7.27 -1.46
CA ASP A 92 15.71 6.61 -0.37
C ASP A 92 16.36 7.60 0.61
N THR A 93 16.13 7.36 1.90
CA THR A 93 16.66 8.24 2.97
C THR A 93 17.50 7.42 3.97
N VAL A 94 17.85 6.17 3.65
CA VAL A 94 18.75 5.42 4.54
C VAL A 94 20.06 6.20 4.69
N SER A 95 20.60 6.25 5.90
CA SER A 95 21.78 7.08 6.16
C SER A 95 22.62 6.40 7.22
N ASP A 96 23.94 6.59 7.15
CA ASP A 96 24.83 6.22 8.23
C ASP A 96 25.25 7.42 9.07
N PHE A 97 24.49 8.50 9.01
CA PHE A 97 24.88 9.74 9.68
C PHE A 97 25.03 9.57 11.19
N PHE A 98 24.17 8.75 11.79
CA PHE A 98 24.18 8.53 13.22
C PHE A 98 24.91 7.26 13.60
N GLY A 99 25.62 6.70 12.62
CA GLY A 99 26.17 5.34 12.73
C GLY A 99 25.50 4.40 11.78
N ILE A 100 26.17 3.27 11.49
CA ILE A 100 25.57 2.22 10.70
C ILE A 100 24.30 1.68 11.35
N ASP A 101 24.32 1.56 12.68
CA ASP A 101 23.15 1.03 13.41
C ASP A 101 22.21 2.11 13.88
N GLY A 102 22.48 3.35 13.51
CA GLY A 102 21.58 4.45 13.82
C GLY A 102 21.76 5.06 15.21
N ILE A 103 22.50 4.36 16.08
CA ILE A 103 22.66 4.77 17.47
C ILE A 103 24.06 4.52 18.01
N GLY A 104 25.07 4.90 17.22
CA GLY A 104 26.43 5.07 17.72
C GLY A 104 27.39 3.90 17.53
N ASP A 105 26.89 2.80 17.00
CA ASP A 105 27.70 1.65 16.63
C ASP A 105 28.55 1.15 17.79
N LYS A 106 27.89 0.89 18.92
CA LYS A 106 28.53 0.23 20.06
C LYS A 106 27.62 -0.83 20.65
N PRO A 107 27.49 -1.96 19.96
CA PRO A 107 26.50 -2.97 20.31
C PRO A 107 26.79 -3.69 21.62
N GLU A 108 28.02 -3.61 22.10
CA GLU A 108 28.41 -4.32 23.33
C GLU A 108 28.20 -3.51 24.60
N GLU A 109 27.95 -2.21 24.46
CA GLU A 109 27.74 -1.35 25.61
C GLU A 109 26.33 -1.57 26.15
N PHE A 110 26.11 -1.18 27.39
CA PHE A 110 24.80 -1.32 28.03
C PHE A 110 23.72 -0.58 27.24
N PRO A 111 22.55 -1.21 27.06
CA PRO A 111 22.32 -2.64 27.17
C PRO A 111 22.85 -3.37 25.94
N LYS A 112 23.50 -4.50 26.14
CA LYS A 112 24.12 -5.24 25.06
C LYS A 112 23.07 -5.70 24.08
N VAL A 113 23.32 -5.51 22.79
CA VAL A 113 22.43 -6.03 21.73
C VAL A 113 22.31 -7.55 21.84
N GLU A 114 21.08 -8.05 21.70
CA GLU A 114 20.80 -9.48 21.66
C GLU A 114 20.14 -9.85 20.32
N ARG A 115 20.39 -11.08 19.86
CA ARG A 115 19.92 -11.52 18.54
C ARG A 115 18.39 -11.43 18.41
N SER A 116 17.68 -11.60 19.52
CA SER A 116 16.22 -11.52 19.50
C SER A 116 15.69 -10.07 19.32
N ASP A 117 16.58 -9.07 19.46
CA ASP A 117 16.18 -7.67 19.28
C ASP A 117 15.67 -7.41 17.86
N PHE A 118 16.11 -8.21 16.89
CA PHE A 118 15.80 -7.96 15.47
C PHE A 118 14.49 -8.59 15.02
N GLU A 119 13.83 -9.26 15.95
CA GLU A 119 12.52 -9.85 15.73
C GLU A 119 11.42 -9.04 16.42
N GLY A 120 10.27 -8.98 15.77
CA GLY A 120 9.11 -8.32 16.36
C GLY A 120 8.19 -9.31 17.02
N GLU A 121 7.03 -8.84 17.45
CA GLU A 121 6.06 -9.69 18.17
C GLU A 121 5.51 -10.79 17.30
N GLY A 122 5.44 -10.53 16.00
CA GLY A 122 4.96 -11.53 15.04
C GLY A 122 4.06 -10.82 14.02
N LYS A 123 3.01 -10.18 14.49
CA LYS A 123 2.02 -9.53 13.63
C LYS A 123 2.66 -8.29 12.97
N HIS A 124 2.44 -8.09 11.67
CA HIS A 124 2.89 -6.89 11.00
C HIS A 124 2.36 -5.66 11.76
N ALA A 125 3.19 -4.63 11.83
CA ALA A 125 2.79 -3.40 12.48
C ALA A 125 1.48 -2.83 12.01
N SER A 126 1.24 -2.82 10.68
CA SER A 126 0.01 -2.22 10.16
C SER A 126 -1.24 -2.92 10.67
N LEU A 127 -1.16 -4.24 10.82
CA LEU A 127 -2.26 -5.01 11.39
C LEU A 127 -2.40 -4.72 12.88
N ALA A 128 -1.27 -4.57 13.56
CA ALA A 128 -1.30 -4.22 14.98
C ALA A 128 -1.92 -2.81 15.20
N LEU A 129 -1.61 -1.85 14.32
CA LEU A 129 -2.17 -0.51 14.46
C LEU A 129 -3.70 -0.57 14.38
N ILE A 130 -4.21 -1.38 13.44
CA ILE A 130 -5.66 -1.55 13.29
C ILE A 130 -6.26 -2.14 14.56
N ASP A 131 -5.72 -3.26 15.00
CA ASP A 131 -6.27 -3.98 16.16
C ASP A 131 -6.19 -3.11 17.45
N ILE A 132 -5.03 -2.50 17.70
CA ILE A 132 -4.84 -1.77 18.96
C ILE A 132 -5.72 -0.53 19.02
N LEU A 133 -5.73 0.25 17.95
CA LEU A 133 -6.53 1.48 17.97
C LEU A 133 -8.03 1.26 17.82
N ARG A 134 -8.45 0.15 17.23
CA ARG A 134 -9.85 -0.21 17.25
C ARG A 134 -10.38 -0.38 18.67
N GLU A 135 -9.55 -1.01 19.50
CA GLU A 135 -9.93 -1.30 20.88
C GLU A 135 -9.61 -0.13 21.82
N ASN A 136 -8.78 0.81 21.38
CA ASN A 136 -8.35 1.92 22.22
C ASN A 136 -8.56 3.23 21.48
N ARG A 137 -9.82 3.61 21.37
CA ARG A 137 -10.17 4.75 20.55
C ARG A 137 -9.79 6.07 21.19
N ASP A 138 -9.28 6.03 22.42
CA ASP A 138 -8.87 7.21 23.13
C ASP A 138 -7.35 7.40 23.07
N ALA A 139 -6.67 6.61 22.25
CA ALA A 139 -5.20 6.66 22.18
C ALA A 139 -4.77 7.63 21.09
N THR A 140 -3.59 8.23 21.30
CA THR A 140 -2.91 9.05 20.30
C THR A 140 -1.84 8.25 19.56
N LEU A 141 -1.80 8.39 18.24
CA LEU A 141 -0.78 7.76 17.43
C LEU A 141 0.23 8.83 17.09
N VAL A 142 1.50 8.54 17.38
CA VAL A 142 2.59 9.46 17.10
C VAL A 142 3.53 8.84 16.08
N THR A 143 3.82 9.55 15.00
CA THR A 143 4.72 9.06 13.96
C THR A 143 5.98 9.89 13.92
N ILE A 144 7.12 9.20 13.99
CA ILE A 144 8.42 9.87 13.97
C ILE A 144 9.37 9.24 12.96
N GLY A 145 8.78 8.50 12.01
CA GLY A 145 9.47 8.08 10.79
C GLY A 145 8.60 8.29 9.58
N PRO A 146 8.97 7.71 8.46
CA PRO A 146 8.08 7.74 7.29
C PRO A 146 6.74 7.14 7.63
N LEU A 147 5.73 7.48 6.83
CA LEU A 147 4.34 7.17 7.16
C LEU A 147 3.83 5.83 6.60
N THR A 148 4.74 4.99 6.12
CA THR A 148 4.39 3.75 5.42
C THR A 148 3.45 2.82 6.20
N ASN A 149 3.72 2.61 7.49
CA ASN A 149 2.87 1.66 8.25
C ASN A 149 1.45 2.17 8.33
N VAL A 150 1.29 3.47 8.55
CA VAL A 150 -0.04 4.06 8.71
C VAL A 150 -0.80 3.99 7.39
N ALA A 151 -0.09 4.27 6.29
CA ALA A 151 -0.71 4.19 4.97
C ALA A 151 -1.15 2.77 4.58
N ILE A 152 -0.38 1.78 4.94
CA ILE A 152 -0.76 0.38 4.68
C ILE A 152 -2.00 0.01 5.49
N ALA A 153 -2.08 0.50 6.73
CA ALA A 153 -3.30 0.27 7.54
C ALA A 153 -4.53 0.83 6.85
N LEU A 154 -4.40 2.02 6.30
CA LEU A 154 -5.53 2.63 5.61
C LEU A 154 -5.91 1.81 4.37
N GLN A 155 -4.90 1.32 3.62
CA GLN A 155 -5.19 0.52 2.43
C GLN A 155 -5.95 -0.73 2.77
N LEU A 156 -5.69 -1.29 3.95
CA LEU A 156 -6.37 -2.49 4.41
C LEU A 156 -7.75 -2.22 4.99
N CYS A 157 -7.95 -1.05 5.59
CA CYS A 157 -9.11 -0.83 6.43
C CYS A 157 -9.45 0.66 6.42
N GLU A 158 -10.41 1.07 5.57
CA GLU A 158 -10.64 2.53 5.47
C GLU A 158 -11.20 3.12 6.79
N GLU A 159 -11.83 2.27 7.61
CA GLU A 159 -12.36 2.70 8.92
C GLU A 159 -11.29 3.10 9.91
N PHE A 160 -10.06 2.69 9.65
CA PHE A 160 -8.92 3.08 10.48
C PHE A 160 -8.75 4.57 10.52
N SER A 161 -9.25 5.25 9.48
CA SER A 161 -9.23 6.70 9.41
C SER A 161 -9.79 7.38 10.67
N THR A 162 -10.69 6.70 11.37
CA THR A 162 -11.35 7.23 12.56
C THR A 162 -10.79 6.69 13.87
N TYR A 163 -9.93 5.68 13.82
CA TYR A 163 -9.59 4.94 15.04
C TYR A 163 -8.72 5.75 16.04
N PRO A 164 -7.65 6.39 15.60
CA PRO A 164 -6.94 7.18 16.60
C PRO A 164 -7.76 8.35 17.10
N SER A 165 -7.57 8.72 18.38
CA SER A 165 -8.16 9.95 18.91
CA SER A 165 -8.19 9.93 18.87
C SER A 165 -7.55 11.19 18.26
N ARG A 166 -6.25 11.07 17.94
CA ARG A 166 -5.47 12.18 17.41
C ARG A 166 -4.22 11.56 16.78
N LEU A 167 -3.69 12.20 15.76
CA LEU A 167 -2.46 11.79 15.11
C LEU A 167 -1.49 12.95 15.22
N VAL A 168 -0.30 12.70 15.76
CA VAL A 168 0.75 13.72 15.85
C VAL A 168 1.90 13.24 14.97
N ILE A 169 2.25 14.02 13.97
CA ILE A 169 3.18 13.62 12.92
C ILE A 169 4.42 14.50 13.05
N MET A 170 5.58 13.88 13.14
CA MET A 170 6.83 14.58 12.93
CA MET A 170 6.83 14.62 12.91
C MET A 170 7.20 14.49 11.45
N GLY A 171 7.02 15.58 10.73
CA GLY A 171 7.30 15.53 9.31
C GLY A 171 6.69 16.69 8.58
N GLY A 172 6.96 16.77 7.28
CA GLY A 172 6.36 17.79 6.49
C GLY A 172 6.90 19.18 6.75
N ASN A 173 6.26 20.12 6.10
CA ASN A 173 6.66 21.51 6.08
C ASN A 173 5.46 22.33 5.67
N TYR A 174 5.56 23.65 5.84
CA TYR A 174 4.47 24.53 5.40
C TYR A 174 4.91 25.76 4.62
N TYR A 175 6.23 25.97 4.50
CA TYR A 175 6.79 27.02 3.66
C TYR A 175 7.80 26.38 2.67
N ALA A 176 7.63 25.10 2.40
CA ALA A 176 8.44 24.37 1.41
C ALA A 176 9.94 24.41 1.75
N VAL A 177 10.27 24.45 3.03
CA VAL A 177 11.67 24.35 3.47
C VAL A 177 12.02 22.86 3.62
N GLY A 178 12.88 22.37 2.74
CA GLY A 178 13.32 20.96 2.77
C GLY A 178 14.56 20.78 3.62
N ASN A 179 14.79 19.55 4.04
CA ASN A 179 15.94 19.24 4.87
C ASN A 179 16.66 17.96 4.47
N VAL A 180 16.48 17.55 3.22
CA VAL A 180 17.17 16.36 2.71
C VAL A 180 18.36 16.71 1.87
N ASP A 181 18.13 17.44 0.79
CA ASP A 181 19.20 17.91 -0.03
C ASP A 181 18.72 19.00 -0.94
N GLY A 182 19.65 19.58 -1.69
CA GLY A 182 19.35 20.80 -2.42
C GLY A 182 18.50 20.64 -3.65
N GLY A 183 18.20 19.40 -4.05
CA GLY A 183 17.33 19.17 -5.19
C GLY A 183 15.90 18.79 -4.80
N SER A 184 15.56 18.94 -3.51
CA SER A 184 14.20 18.62 -3.08
C SER A 184 13.70 19.64 -2.07
N SER A 185 12.40 20.00 -2.15
CA SER A 185 11.78 20.79 -1.12
C SER A 185 11.02 19.98 -0.07
N ALA A 186 11.25 18.67 -0.04
CA ALA A 186 10.57 17.80 0.93
C ALA A 186 11.36 17.72 2.23
N GLU A 187 10.61 17.52 3.30
CA GLU A 187 11.17 17.16 4.59
C GLU A 187 11.44 15.64 4.63
N TYR A 188 12.39 15.24 5.48
CA TYR A 188 12.97 13.92 5.48
C TYR A 188 11.95 12.76 5.56
N ASN A 189 11.11 12.75 6.59
CA ASN A 189 10.16 11.65 6.74
C ASN A 189 9.15 11.55 5.60
N PHE A 190 8.76 12.71 5.07
CA PHE A 190 7.87 12.72 3.90
C PHE A 190 8.60 12.25 2.66
N HIS A 191 9.85 12.69 2.50
CA HIS A 191 10.66 12.29 1.35
C HIS A 191 10.81 10.76 1.28
N GLY A 192 10.87 10.12 2.44
CA GLY A 192 11.08 8.70 2.54
C GLY A 192 9.90 7.87 2.05
N ASP A 193 8.70 8.46 2.01
CA ASP A 193 7.55 7.79 1.40
C ASP A 193 6.46 8.80 1.07
N PRO A 194 6.61 9.47 -0.09
CA PRO A 194 5.68 10.53 -0.41
C PRO A 194 4.25 10.03 -0.56
N GLU A 195 4.09 8.87 -1.19
CA GLU A 195 2.75 8.30 -1.34
C GLU A 195 2.10 8.12 0.01
N ALA A 196 2.84 7.58 0.96
CA ALA A 196 2.26 7.32 2.27
C ALA A 196 1.81 8.61 2.90
N ALA A 197 2.61 9.67 2.78
CA ALA A 197 2.22 10.95 3.38
C ALA A 197 0.92 11.48 2.74
N SER A 198 0.83 11.37 1.41
CA SER A 198 -0.37 11.74 0.67
C SER A 198 -1.59 10.99 1.19
N ILE A 199 -1.47 9.66 1.28
CA ILE A 199 -2.59 8.84 1.78
C ILE A 199 -3.05 9.26 3.17
N VAL A 200 -2.10 9.44 4.07
CA VAL A 200 -2.42 9.71 5.47
C VAL A 200 -3.08 11.08 5.63
N LEU A 201 -2.51 12.12 5.02
CA LEU A 201 -3.07 13.46 5.14
CA LEU A 201 -3.07 13.46 5.17
C LEU A 201 -4.43 13.61 4.50
N ARG A 202 -4.66 12.88 3.40
CA ARG A 202 -5.93 13.00 2.70
C ARG A 202 -7.03 12.19 3.37
N ARG A 203 -6.67 11.02 3.88
CA ARG A 203 -7.68 10.01 4.23
C ARG A 203 -7.89 9.74 5.69
N MET A 204 -7.04 10.27 6.57
CA MET A 204 -7.34 10.20 8.01
C MET A 204 -8.45 11.18 8.35
N LYS A 205 -9.31 10.79 9.30
CA LYS A 205 -10.44 11.60 9.67
C LYS A 205 -10.34 12.16 11.10
N CYS A 206 -9.37 11.71 11.86
CA CYS A 206 -9.14 12.25 13.18
C CYS A 206 -8.38 13.58 13.08
N PRO A 207 -8.30 14.31 14.18
CA PRO A 207 -7.48 15.50 14.18
C PRO A 207 -6.00 15.16 13.98
N ILE A 208 -5.34 15.95 13.14
CA ILE A 208 -3.92 15.77 12.89
C ILE A 208 -3.17 17.01 13.33
N THR A 209 -2.10 16.80 14.10
CA THR A 209 -1.16 17.86 14.44
C THR A 209 0.19 17.50 13.85
N ILE A 210 0.72 18.41 13.05
CA ILE A 210 2.02 18.18 12.39
C ILE A 210 3.03 19.10 13.02
N VAL A 211 4.21 18.56 13.29
CA VAL A 211 5.35 19.35 13.75
C VAL A 211 6.29 19.47 12.55
N PRO A 212 6.25 20.62 11.86
CA PRO A 212 6.89 20.74 10.55
C PRO A 212 8.35 21.08 10.70
N TRP A 213 9.11 20.94 9.61
CA TRP A 213 10.50 21.29 9.69
C TRP A 213 10.77 22.76 10.03
N GLU A 214 9.92 23.68 9.57
CA GLU A 214 10.18 25.09 9.82
C GLU A 214 10.25 25.44 11.31
N ALA A 215 9.53 24.68 12.13
CA ALA A 215 9.51 24.91 13.59
C ALA A 215 10.92 24.76 14.14
N PHE A 216 11.69 23.84 13.55
CA PHE A 216 13.08 23.61 13.95
C PHE A 216 14.04 24.56 13.27
N TYR A 217 13.82 24.79 11.98
CA TYR A 217 14.74 25.52 11.17
C TYR A 217 14.88 26.98 11.60
N PHE A 218 13.76 27.67 11.80
CA PHE A 218 13.85 29.11 11.91
C PHE A 218 14.37 29.55 13.26
N GLU A 219 14.16 28.73 14.29
CA GLU A 219 14.65 29.08 15.63
C GLU A 219 15.91 28.34 16.06
N SER A 220 16.57 27.65 15.13
CA SER A 220 17.72 26.82 15.49
C SER A 220 18.90 27.64 16.04
N LYS A 221 19.27 28.73 15.38
CA LYS A 221 20.38 29.59 15.85
C LYS A 221 20.10 30.18 17.25
N THR A 222 18.87 30.63 17.48
CA THR A 222 18.42 31.08 18.80
C THR A 222 18.45 29.99 19.89
N HIS A 223 17.91 28.82 19.59
CA HIS A 223 17.95 27.72 20.57
C HIS A 223 19.40 27.30 20.86
N ASP A 224 20.24 27.35 19.84
CA ASP A 224 21.63 26.90 20.00
C ASP A 224 22.39 27.83 20.97
N ALA A 225 22.01 29.10 20.98
CA ALA A 225 22.60 30.09 21.91
C ALA A 225 22.07 29.95 23.35
N SER A 226 20.83 29.47 23.51
CA SER A 226 20.18 29.56 24.81
C SER A 226 20.02 28.20 25.56
N VAL A 227 20.21 27.07 24.89
CA VAL A 227 20.01 25.78 25.54
C VAL A 227 21.27 24.95 25.37
N ASP A 228 21.67 24.26 26.43
CA ASP A 228 22.76 23.29 26.34
C ASP A 228 22.16 21.92 26.13
N PHE A 229 22.16 21.44 24.89
CA PHE A 229 21.46 20.21 24.53
C PHE A 229 22.17 18.96 25.00
N SER A 230 23.36 19.11 25.57
CA SER A 230 24.11 17.97 26.06
CA SER A 230 24.14 17.98 26.06
C SER A 230 24.05 17.81 27.58
N ALA A 231 23.51 18.81 28.28
CA ALA A 231 23.63 18.80 29.73
C ALA A 231 22.90 17.60 30.37
N HIS A 232 21.76 17.20 29.81
CA HIS A 232 21.02 16.07 30.36
C HIS A 232 21.72 14.72 30.22
N LEU A 233 22.78 14.68 29.41
CA LEU A 233 23.54 13.45 29.18
C LEU A 233 24.60 13.12 30.22
N LYS A 234 24.80 14.00 31.19
CA LYS A 234 26.03 13.99 32.00
C LYS A 234 25.81 13.40 33.42
N TYR A 235 24.62 12.89 33.72
CA TYR A 235 24.32 12.50 35.08
C TYR A 235 24.98 11.20 35.50
N GLY A 236 25.39 10.38 34.54
CA GLY A 236 26.06 9.12 34.85
C GLY A 236 25.13 7.99 35.26
N THR A 237 23.84 8.18 35.04
CA THR A 237 22.87 7.11 35.20
C THR A 237 22.93 6.19 33.99
N PRO A 238 22.37 4.99 34.11
CA PRO A 238 22.38 4.11 32.94
C PRO A 238 21.70 4.74 31.73
N LEU A 239 20.57 5.40 31.94
CA LEU A 239 19.83 6.00 30.83
C LEU A 239 20.63 7.17 30.22
N ALA A 240 21.24 8.01 31.05
CA ALA A 240 22.10 9.07 30.52
C ALA A 240 23.22 8.48 29.68
N ASN A 241 23.86 7.44 30.21
CA ASN A 241 24.97 6.83 29.49
C ASN A 241 24.51 6.21 28.16
N TYR A 242 23.37 5.54 28.17
CA TYR A 242 22.81 4.99 26.93
C TYR A 242 22.48 6.06 25.88
N LEU A 243 21.87 7.15 26.33
CA LEU A 243 21.54 8.24 25.43
C LEU A 243 22.78 8.98 24.95
N SER A 244 23.84 8.99 25.77
CA SER A 244 25.13 9.51 25.34
CA SER A 244 25.11 9.53 25.34
C SER A 244 25.69 8.71 24.18
N LEU A 245 25.66 7.40 24.31
CA LEU A 245 26.12 6.49 23.26
C LEU A 245 25.26 6.69 22.00
N ALA A 246 23.95 6.71 22.18
CA ALA A 246 23.02 6.71 21.05
C ALA A 246 23.20 7.95 20.18
N THR A 247 23.55 9.07 20.83
CA THR A 247 23.63 10.35 20.17
C THR A 247 25.07 10.71 19.81
N SER A 248 26.01 9.83 20.12
CA SER A 248 27.44 10.19 20.08
C SER A 248 27.94 10.66 18.72
N ILE A 249 27.57 9.96 17.66
CA ILE A 249 28.09 10.24 16.34
C ILE A 249 27.40 11.47 15.77
N GLY A 250 26.12 11.64 16.06
CA GLY A 250 25.42 12.87 15.69
C GLY A 250 26.02 14.09 16.34
N ARG A 251 26.38 13.98 17.61
CA ARG A 251 26.93 15.12 18.34
C ARG A 251 28.29 15.52 17.79
N VAL A 252 29.13 14.54 17.48
CA VAL A 252 30.48 14.85 16.99
C VAL A 252 30.41 15.52 15.62
N LYS A 253 29.47 15.07 14.79
CA LYS A 253 29.39 15.61 13.44
C LYS A 253 28.79 17.02 13.40
N CYS A 254 27.76 17.26 14.23
CA CYS A 254 27.23 18.60 14.37
C CYS A 254 28.27 19.58 14.92
N GLU A 255 29.02 19.14 15.93
CA GLU A 255 29.99 20.02 16.59
C GLU A 255 31.14 20.37 15.66
N ALA A 256 31.46 19.45 14.75
CA ALA A 256 32.50 19.69 13.76
C ALA A 256 32.06 20.77 12.76
N ASN A 257 30.76 21.02 12.70
CA ASN A 257 30.20 22.10 11.89
C ASN A 257 29.72 23.31 12.70
N GLY A 258 30.12 23.37 13.97
CA GLY A 258 29.88 24.56 14.79
C GLY A 258 28.46 24.70 15.31
N ARG A 259 27.75 23.58 15.50
CA ARG A 259 26.47 23.66 16.18
C ARG A 259 26.19 22.43 17.03
N GLN A 260 25.19 22.54 17.90
CA GLN A 260 24.84 21.43 18.74
C GLN A 260 23.89 20.51 17.99
N TYR A 261 23.98 19.22 18.29
CA TYR A 261 22.93 18.30 17.93
C TYR A 261 21.72 18.60 18.81
N SER A 262 20.61 18.99 18.19
CA SER A 262 19.49 19.53 18.92
C SER A 262 18.31 18.54 18.83
N TYR A 263 17.24 18.84 19.56
CA TYR A 263 16.08 17.99 19.58
C TYR A 263 15.30 18.05 18.27
N CYS A 264 14.77 16.91 17.88
CA CYS A 264 13.86 16.84 16.73
CA CYS A 264 13.90 16.83 16.71
C CYS A 264 12.65 15.99 17.06
N ASP A 265 12.77 14.67 16.96
CA ASP A 265 11.63 13.78 17.19
C ASP A 265 11.07 13.91 18.60
N GLU A 266 11.94 14.26 19.55
CA GLU A 266 11.51 14.44 20.94
C GLU A 266 10.35 15.42 21.03
N ILE A 267 10.35 16.43 20.18
CA ILE A 267 9.30 17.46 20.24
C ILE A 267 7.95 16.87 19.87
N ALA A 268 7.89 15.97 18.89
CA ALA A 268 6.63 15.34 18.55
C ALA A 268 6.07 14.48 19.68
N VAL A 269 6.92 13.70 20.34
CA VAL A 269 6.44 12.91 21.46
C VAL A 269 5.99 13.79 22.59
N ALA A 270 6.74 14.86 22.86
CA ALA A 270 6.37 15.80 23.94
C ALA A 270 5.01 16.45 23.62
N THR A 271 4.81 16.83 22.36
CA THR A 271 3.55 17.44 21.90
C THR A 271 2.36 16.47 22.10
N ALA A 272 2.60 15.20 21.87
CA ALA A 272 1.60 14.18 22.17
C ALA A 272 1.21 14.11 23.62
N ILE A 273 2.18 14.34 24.52
CA ILE A 273 1.95 14.19 25.93
C ILE A 273 1.21 15.40 26.51
N ASP A 274 1.58 16.59 26.06
CA ASP A 274 0.88 17.80 26.51
C ASP A 274 0.98 18.88 25.44
N GLU A 275 0.03 18.84 24.51
CA GLU A 275 0.09 19.68 23.33
C GLU A 275 -0.01 21.15 23.72
N ASP A 276 -0.84 21.48 24.69
CA ASP A 276 -1.06 22.89 25.07
C ASP A 276 0.18 23.50 25.73
N LYS A 277 0.97 22.68 26.40
CA LYS A 277 2.21 23.14 27.01
C LYS A 277 3.32 23.31 25.96
N ILE A 278 3.49 22.34 25.07
CA ILE A 278 4.65 22.31 24.22
C ILE A 278 4.46 23.19 22.97
N ALA A 279 3.24 23.24 22.45
CA ALA A 279 2.98 24.03 21.23
C ALA A 279 2.64 25.44 21.57
N LYS A 280 3.66 26.30 21.57
CA LYS A 280 3.48 27.68 21.95
C LYS A 280 2.64 28.44 20.91
N LYS A 281 2.92 28.18 19.63
CA LYS A 281 2.14 28.80 18.58
C LYS A 281 1.76 27.71 17.59
N SER A 282 0.62 27.90 16.97
CA SER A 282 0.14 26.96 15.99
C SER A 282 -0.84 27.65 15.06
N GLN A 283 -1.05 27.01 13.91
CA GLN A 283 -1.84 27.58 12.83
C GLN A 283 -2.55 26.39 12.19
N TYR A 284 -3.79 26.57 11.76
CA TYR A 284 -4.44 25.56 10.94
C TYR A 284 -4.34 25.94 9.48
N LEU A 285 -3.97 24.98 8.65
CA LEU A 285 -3.82 25.21 7.21
C LEU A 285 -4.48 24.06 6.45
N TYR A 286 -4.92 24.34 5.23
CA TYR A 286 -5.47 23.33 4.33
C TYR A 286 -4.37 22.86 3.39
N VAL A 287 -4.06 21.57 3.45
CA VAL A 287 -2.86 21.03 2.81
C VAL A 287 -3.10 19.76 2.01
N ASP A 288 -2.17 19.50 1.09
CA ASP A 288 -2.07 18.26 0.35
C ASP A 288 -0.57 18.06 0.05
N VAL A 289 -0.22 16.91 -0.51
CA VAL A 289 1.19 16.56 -0.73
C VAL A 289 1.42 16.39 -2.24
N GLU A 290 2.46 17.05 -2.76
CA GLU A 290 2.82 16.90 -4.18
C GLU A 290 3.53 15.56 -4.39
N LEU A 291 3.15 14.82 -5.42
CA LEU A 291 3.78 13.56 -5.74
C LEU A 291 4.57 13.56 -7.03
N ASN A 292 4.29 14.48 -7.96
CA ASN A 292 4.76 14.34 -9.33
C ASN A 292 5.89 15.30 -9.71
N GLY A 293 6.16 16.28 -8.89
CA GLY A 293 7.14 17.29 -9.26
C GLY A 293 8.54 16.75 -9.24
N THR A 294 9.41 17.30 -10.05
CA THR A 294 10.81 16.89 -10.12
CA THR A 294 10.75 16.78 -10.05
C THR A 294 11.57 17.33 -8.87
N LYS A 295 11.31 18.56 -8.43
CA LYS A 295 11.97 19.11 -7.27
C LYS A 295 11.08 19.18 -6.03
N THR A 296 9.78 18.99 -6.22
CA THR A 296 8.82 19.23 -5.16
C THR A 296 8.08 17.96 -4.74
N ARG A 297 8.51 16.80 -5.22
CA ARG A 297 7.90 15.56 -4.75
C ARG A 297 8.07 15.43 -3.23
N GLY A 298 6.98 15.17 -2.53
CA GLY A 298 7.02 15.06 -1.08
C GLY A 298 6.74 16.35 -0.33
N GLN A 299 6.81 17.49 -1.03
CA GLN A 299 6.50 18.78 -0.42
C GLN A 299 5.05 18.86 -0.03
N VAL A 300 4.77 19.45 1.11
CA VAL A 300 3.39 19.87 1.43
C VAL A 300 3.04 21.11 0.63
N VAL A 301 1.84 21.11 0.06
CA VAL A 301 1.30 22.26 -0.62
C VAL A 301 0.15 22.80 0.20
N VAL A 302 0.17 24.10 0.43
CA VAL A 302 -0.81 24.78 1.27
C VAL A 302 -1.71 25.63 0.40
N ASP A 303 -3.00 25.67 0.69
CA ASP A 303 -3.88 26.61 0.02
C ASP A 303 -3.96 27.91 0.81
N TRP A 304 -3.17 28.91 0.40
CA TRP A 304 -3.13 30.20 1.08
C TRP A 304 -4.15 31.22 0.52
N THR A 305 -4.97 30.82 -0.44
CA THR A 305 -5.86 31.79 -1.11
C THR A 305 -7.20 31.97 -0.37
N THR A 319 -8.77 18.45 -2.92
CA THR A 319 -8.59 17.37 -1.95
C THR A 319 -7.74 17.79 -0.73
N HIS A 320 -7.66 19.09 -0.47
CA HIS A 320 -6.92 19.59 0.71
C HIS A 320 -7.69 19.29 1.99
N ARG A 321 -6.95 19.09 3.07
CA ARG A 321 -7.50 18.78 4.38
C ARG A 321 -6.93 19.77 5.38
N ARG A 322 -7.74 20.14 6.37
CA ARG A 322 -7.32 21.07 7.40
C ARG A 322 -6.56 20.32 8.47
N VAL A 323 -5.36 20.81 8.77
CA VAL A 323 -4.42 20.20 9.70
CA VAL A 323 -4.53 20.22 9.78
C VAL A 323 -3.86 21.29 10.60
N LYS A 324 -3.52 20.94 11.84
CA LYS A 324 -2.89 21.89 12.76
C LYS A 324 -1.37 21.78 12.67
N PHE A 325 -0.69 22.88 12.42
CA PHE A 325 0.77 22.92 12.44
C PHE A 325 1.27 23.59 13.69
N VAL A 326 2.22 22.95 14.37
CA VAL A 326 2.95 23.61 15.43
C VAL A 326 4.05 24.47 14.83
N THR A 327 3.95 25.77 14.99
CA THR A 327 4.92 26.65 14.37
C THR A 327 6.02 27.11 15.30
N SER A 328 5.81 27.03 16.61
CA SER A 328 6.86 27.28 17.59
C SER A 328 6.64 26.38 18.79
N TYR A 329 7.71 25.76 19.29
CA TYR A 329 7.60 24.86 20.43
C TYR A 329 8.43 25.35 21.60
N ASP A 330 8.07 24.86 22.78
CA ASP A 330 8.75 25.26 24.02
C ASP A 330 9.92 24.32 24.27
N VAL A 331 11.10 24.74 23.81
CA VAL A 331 12.27 23.87 23.88
C VAL A 331 12.73 23.74 25.33
N HIS A 332 12.45 24.75 26.14
CA HIS A 332 12.87 24.74 27.54
C HIS A 332 12.13 23.70 28.37
N THR A 333 10.84 23.51 28.10
CA THR A 333 10.08 22.48 28.80
C THR A 333 10.52 21.08 28.39
N VAL A 334 10.76 20.88 27.10
CA VAL A 334 11.24 19.58 26.63
C VAL A 334 12.59 19.27 27.28
N ASP A 335 13.47 20.27 27.34
CA ASP A 335 14.78 20.10 27.99
C ASP A 335 14.64 19.75 29.47
N LYS A 336 13.74 20.42 30.17
CA LYS A 336 13.45 20.12 31.58
C LYS A 336 12.96 18.68 31.76
N TRP A 337 12.15 18.22 30.83
CA TRP A 337 11.63 16.83 30.91
C TRP A 337 12.74 15.81 30.64
N LEU A 338 13.65 16.10 29.73
CA LEU A 338 14.74 15.16 29.46
C LEU A 338 15.72 15.09 30.64
N HIS A 339 15.98 16.22 31.31
CA HIS A 339 16.77 16.17 32.55
C HIS A 339 16.08 15.30 33.61
N ALA A 340 14.78 15.44 33.76
CA ALA A 340 14.03 14.63 34.71
C ALA A 340 14.16 13.16 34.35
N ALA A 341 14.09 12.85 33.06
CA ALA A 341 14.14 11.46 32.60
C ALA A 341 15.49 10.85 32.89
N THR A 342 16.56 11.53 32.52
CA THR A 342 17.89 10.93 32.67
C THR A 342 18.41 11.00 34.12
N SER A 343 18.05 12.03 34.88
CA SER A 343 18.54 12.13 36.26
C SER A 343 17.83 11.17 37.20
N GLY A 344 16.59 10.81 36.86
CA GLY A 344 15.73 10.05 37.77
C GLY A 344 15.05 10.91 38.81
N SER A 345 15.09 12.23 38.62
CA SER A 345 14.48 13.15 39.58
C SER A 345 12.95 13.05 39.68
N GLY A 346 12.29 12.71 38.58
CA GLY A 346 10.82 12.70 38.56
C GLY A 346 10.18 14.09 38.55
N LYS A 347 10.98 15.11 38.27
CA LYS A 347 10.51 16.50 38.31
C LYS A 347 10.05 16.97 36.92
N PHE A 348 8.86 16.54 36.50
CA PHE A 348 8.33 16.93 35.20
C PHE A 348 7.44 18.20 35.28
N ASP A 349 6.76 18.40 36.39
CA ASP A 349 6.23 19.75 36.70
C ASP A 349 7.37 20.73 37.04
N LYS B 16 -3.55 -31.21 -13.43
CA LYS B 16 -4.41 -30.02 -13.15
C LYS B 16 -3.58 -28.76 -12.87
N VAL B 17 -4.06 -27.62 -13.31
CA VAL B 17 -3.43 -26.34 -13.00
C VAL B 17 -4.16 -25.70 -11.82
N LYS B 18 -3.43 -25.43 -10.74
CA LYS B 18 -4.02 -24.75 -9.58
C LYS B 18 -4.05 -23.23 -9.80
N LEU B 19 -5.22 -22.62 -9.62
CA LEU B 19 -5.43 -21.19 -9.92
C LEU B 19 -5.93 -20.46 -8.70
N VAL B 20 -5.50 -19.22 -8.55
CA VAL B 20 -6.22 -18.23 -7.76
C VAL B 20 -6.49 -17.07 -8.72
N ILE B 21 -7.74 -16.63 -8.74
CA ILE B 21 -8.21 -15.60 -9.65
C ILE B 21 -8.69 -14.37 -8.89
N ASP B 22 -8.07 -13.24 -9.20
CA ASP B 22 -8.35 -11.95 -8.58
C ASP B 22 -9.05 -11.06 -9.61
N SER B 23 -10.24 -10.59 -9.25
CA SER B 23 -11.20 -10.11 -10.27
C SER B 23 -12.05 -8.99 -9.72
N ASP B 24 -12.50 -8.11 -10.64
CA ASP B 24 -13.51 -7.10 -10.32
C ASP B 24 -14.91 -7.49 -10.75
N GLY B 25 -15.10 -8.73 -11.23
CA GLY B 25 -16.42 -9.36 -11.21
C GLY B 25 -17.45 -8.75 -12.16
N VAL B 26 -17.05 -8.18 -13.28
CA VAL B 26 -18.03 -7.75 -14.27
C VAL B 26 -18.25 -8.75 -15.38
N SER B 27 -18.96 -8.36 -16.43
CA SER B 27 -19.47 -9.28 -17.45
CA SER B 27 -19.48 -9.28 -17.43
C SER B 27 -18.42 -10.27 -17.95
N ASP B 28 -17.28 -9.76 -18.42
CA ASP B 28 -16.30 -10.68 -18.97
C ASP B 28 -15.58 -11.46 -17.87
N ASP B 29 -15.38 -10.83 -16.70
CA ASP B 29 -14.83 -11.56 -15.56
C ASP B 29 -15.68 -12.81 -15.27
N VAL B 30 -17.00 -12.65 -15.21
CA VAL B 30 -17.91 -13.72 -14.82
CA VAL B 30 -17.79 -13.78 -14.77
C VAL B 30 -17.89 -14.88 -15.83
N ARG B 31 -17.75 -14.52 -17.11
CA ARG B 31 -17.60 -15.53 -18.13
C ARG B 31 -16.23 -16.21 -18.06
N ALA B 32 -15.18 -15.44 -17.76
CA ALA B 32 -13.85 -16.00 -17.56
C ALA B 32 -13.81 -17.00 -16.39
N ILE B 33 -14.49 -16.64 -15.31
CA ILE B 33 -14.51 -17.44 -14.08
C ILE B 33 -15.32 -18.72 -14.36
N SER B 34 -16.36 -18.59 -15.18
CA SER B 34 -17.17 -19.75 -15.56
C SER B 34 -16.33 -20.74 -16.38
N LEU B 35 -15.55 -20.22 -17.32
CA LEU B 35 -14.62 -21.04 -18.05
C LEU B 35 -13.71 -21.83 -17.13
N ALA B 36 -13.15 -21.18 -16.11
CA ALA B 36 -12.24 -21.81 -15.18
C ALA B 36 -12.96 -22.88 -14.33
N LEU B 37 -14.20 -22.62 -13.97
CA LEU B 37 -14.97 -23.53 -13.13
C LEU B 37 -15.39 -24.79 -13.87
N GLN B 38 -15.52 -24.69 -15.19
CA GLN B 38 -15.97 -25.83 -16.01
C GLN B 38 -14.81 -26.63 -16.63
N HIS B 39 -13.65 -26.01 -16.78
CA HIS B 39 -12.57 -26.66 -17.51
C HIS B 39 -11.96 -27.76 -16.66
N PRO B 40 -11.86 -28.96 -17.19
CA PRO B 40 -11.44 -30.08 -16.33
C PRO B 40 -9.96 -30.06 -15.94
N LYS B 41 -9.16 -29.20 -16.57
CA LYS B 41 -7.75 -29.07 -16.21
C LYS B 41 -7.51 -28.08 -15.08
N ALA B 42 -8.53 -27.31 -14.72
CA ALA B 42 -8.36 -26.23 -13.75
C ALA B 42 -8.81 -26.70 -12.36
N GLU B 43 -8.04 -26.30 -11.36
CA GLU B 43 -8.40 -26.45 -9.97
C GLU B 43 -8.34 -25.09 -9.29
N ILE B 44 -9.50 -24.56 -8.92
CA ILE B 44 -9.59 -23.22 -8.31
C ILE B 44 -9.42 -23.29 -6.79
N LEU B 45 -8.36 -22.67 -6.27
CA LEU B 45 -8.12 -22.66 -4.84
C LEU B 45 -9.00 -21.61 -4.14
N ALA B 46 -9.17 -20.45 -4.77
CA ALA B 46 -9.88 -19.34 -4.16
C ALA B 46 -10.06 -18.25 -5.19
N PHE B 47 -11.03 -17.37 -4.93
CA PHE B 47 -11.20 -16.13 -5.67
C PHE B 47 -10.94 -14.98 -4.72
N THR B 48 -10.33 -13.91 -5.25
CA THR B 48 -10.20 -12.68 -4.51
C THR B 48 -10.80 -11.52 -5.29
N ALA B 49 -11.62 -10.73 -4.61
CA ALA B 49 -12.34 -9.63 -5.23
C ALA B 49 -11.55 -8.34 -5.04
N VAL B 50 -11.52 -7.52 -6.09
CA VAL B 50 -10.91 -6.21 -6.06
C VAL B 50 -11.87 -5.19 -6.65
N HIS B 51 -11.80 -3.94 -6.19
CA HIS B 51 -12.48 -2.86 -6.85
C HIS B 51 -12.05 -2.81 -8.31
N GLY B 52 -12.91 -2.22 -9.13
CA GLY B 52 -12.55 -1.99 -10.54
C GLY B 52 -13.70 -1.29 -11.24
N CYS B 53 -14.31 -2.00 -12.16
CA CYS B 53 -15.46 -1.48 -12.88
CA CYS B 53 -15.45 -1.48 -12.88
C CYS B 53 -16.68 -1.32 -11.97
N VAL B 54 -16.75 -2.14 -10.92
CA VAL B 54 -17.71 -1.99 -9.85
C VAL B 54 -17.00 -1.96 -8.50
N THR B 55 -17.74 -1.68 -7.45
CA THR B 55 -17.17 -1.69 -6.10
C THR B 55 -16.73 -3.09 -5.74
N VAL B 56 -15.82 -3.16 -4.78
CA VAL B 56 -15.35 -4.45 -4.32
C VAL B 56 -16.47 -5.29 -3.73
N ASP B 57 -17.43 -4.66 -3.08
CA ASP B 57 -18.56 -5.40 -2.51
C ASP B 57 -19.38 -6.06 -3.62
N GLN B 58 -19.59 -5.32 -4.70
CA GLN B 58 -20.36 -5.86 -5.83
C GLN B 58 -19.56 -6.92 -6.56
N ALA B 59 -18.23 -6.73 -6.68
CA ALA B 59 -17.41 -7.74 -7.30
C ALA B 59 -17.54 -9.07 -6.55
N CYS B 60 -17.37 -9.02 -5.23
CA CYS B 60 -17.54 -10.17 -4.36
C CYS B 60 -18.86 -10.88 -4.59
N ALA B 61 -19.93 -10.09 -4.64
CA ALA B 61 -21.26 -10.62 -4.81
C ALA B 61 -21.40 -11.30 -6.16
N ASN B 62 -20.91 -10.65 -7.21
CA ASN B 62 -20.95 -11.25 -8.53
C ASN B 62 -20.19 -12.57 -8.63
N ILE B 63 -19.00 -12.64 -8.02
CA ILE B 63 -18.22 -13.86 -8.03
C ILE B 63 -18.96 -14.97 -7.32
N LYS B 64 -19.54 -14.67 -6.16
CA LYS B 64 -20.26 -15.70 -5.41
C LYS B 64 -21.47 -16.18 -6.19
N ARG B 65 -22.18 -15.26 -6.83
CA ARG B 65 -23.33 -15.64 -7.64
C ARG B 65 -22.92 -16.54 -8.79
N THR B 66 -21.77 -16.26 -9.38
CA THR B 66 -21.27 -17.02 -10.50
C THR B 66 -20.89 -18.44 -10.12
N ILE B 67 -20.39 -18.62 -8.91
CA ILE B 67 -20.09 -19.95 -8.41
C ILE B 67 -21.34 -20.81 -8.32
N ARG B 68 -22.43 -20.24 -7.82
CA ARG B 68 -23.72 -20.93 -7.83
C ARG B 68 -24.25 -21.26 -9.23
N ALA B 69 -24.11 -20.34 -10.18
CA ALA B 69 -24.61 -20.55 -11.53
C ALA B 69 -23.88 -21.69 -12.23
N ASN B 70 -22.67 -21.99 -11.77
CA ASN B 70 -21.84 -23.06 -12.30
C ASN B 70 -21.99 -24.39 -11.56
N ASP B 71 -22.95 -24.46 -10.63
CA ASP B 71 -23.25 -25.72 -9.91
C ASP B 71 -22.01 -26.16 -9.11
N ARG B 72 -21.30 -25.18 -8.56
CA ARG B 72 -20.16 -25.44 -7.68
CA ARG B 72 -20.15 -25.41 -7.70
C ARG B 72 -20.43 -24.83 -6.31
N SER B 73 -19.62 -25.24 -5.34
CA SER B 73 -19.78 -24.78 -3.95
C SER B 73 -18.44 -24.93 -3.21
N ASN B 74 -18.34 -24.31 -2.05
CA ASN B 74 -17.18 -24.50 -1.15
C ASN B 74 -15.87 -24.00 -1.74
N ILE B 75 -15.96 -22.94 -2.55
CA ILE B 75 -14.76 -22.23 -2.96
C ILE B 75 -14.79 -20.87 -2.29
N PRO B 76 -13.73 -20.56 -1.52
CA PRO B 76 -13.75 -19.32 -0.76
C PRO B 76 -13.59 -18.10 -1.66
N VAL B 77 -14.34 -17.05 -1.35
CA VAL B 77 -14.17 -15.75 -1.99
C VAL B 77 -13.82 -14.70 -0.95
N TYR B 78 -12.63 -14.13 -1.08
CA TYR B 78 -12.15 -13.12 -0.13
C TYR B 78 -12.31 -11.72 -0.72
N LYS B 79 -12.81 -10.81 0.08
CA LYS B 79 -12.97 -9.43 -0.33
C LYS B 79 -11.71 -8.62 -0.06
N GLY B 80 -11.22 -7.92 -1.08
CA GLY B 80 -10.03 -7.11 -0.94
C GLY B 80 -10.27 -5.60 -0.99
N ALA B 81 -9.34 -4.91 -1.66
CA ALA B 81 -9.24 -3.46 -1.63
C ALA B 81 -10.48 -2.81 -2.20
N ALA B 82 -10.98 -1.84 -1.45
CA ALA B 82 -12.13 -1.06 -1.88
C ALA B 82 -11.69 0.09 -2.80
N LYS B 83 -10.46 0.53 -2.63
CA LYS B 83 -9.92 1.70 -3.34
C LYS B 83 -8.57 1.37 -3.93
N SER B 84 -8.15 2.13 -4.92
CA SER B 84 -6.76 2.10 -5.34
C SER B 84 -5.83 2.63 -4.24
N ILE B 85 -4.56 2.31 -4.40
CA ILE B 85 -3.55 2.69 -3.39
C ILE B 85 -3.69 4.15 -3.01
N LEU B 86 -3.64 5.05 -4.00
CA LEU B 86 -3.75 6.46 -3.71
C LEU B 86 -5.17 6.95 -3.56
N SER B 87 -6.08 6.32 -4.29
CA SER B 87 -7.45 6.78 -4.42
C SER B 87 -7.51 8.20 -4.96
N LEU B 88 -6.79 8.44 -6.06
CA LEU B 88 -6.90 9.71 -6.79
C LEU B 88 -8.12 9.69 -7.71
N PRO B 89 -8.87 10.80 -7.72
CA PRO B 89 -10.11 10.79 -8.48
C PRO B 89 -9.92 10.67 -10.00
N LYS B 90 -8.79 11.16 -10.51
CA LYS B 90 -8.51 11.04 -11.97
C LYS B 90 -8.29 9.61 -12.46
N ASP B 91 -8.03 8.68 -11.56
CA ASP B 91 -7.74 7.30 -11.96
C ASP B 91 -9.01 6.48 -12.07
N ASP B 92 -10.09 7.01 -11.50
CA ASP B 92 -11.31 6.21 -11.29
C ASP B 92 -11.84 5.56 -12.59
N THR B 93 -12.18 4.28 -12.50
CA THR B 93 -12.61 3.48 -13.64
C THR B 93 -13.97 2.82 -13.35
N VAL B 94 -14.64 3.17 -12.25
CA VAL B 94 -16.00 2.66 -12.02
C VAL B 94 -16.90 3.05 -13.19
N SER B 95 -17.77 2.14 -13.60
CA SER B 95 -18.55 2.31 -14.84
C SER B 95 -19.88 1.55 -14.70
N ASP B 96 -20.92 2.08 -15.32
CA ASP B 96 -22.18 1.36 -15.41
C ASP B 96 -22.40 0.78 -16.81
N PHE B 97 -21.31 0.61 -17.56
CA PHE B 97 -21.41 0.19 -18.97
C PHE B 97 -22.04 -1.19 -19.10
N PHE B 98 -21.78 -2.07 -18.14
CA PHE B 98 -22.33 -3.44 -18.14
C PHE B 98 -23.53 -3.58 -17.24
N GLY B 99 -24.07 -2.45 -16.83
CA GLY B 99 -25.12 -2.42 -15.82
C GLY B 99 -24.58 -1.82 -14.53
N ILE B 100 -25.48 -1.32 -13.68
CA ILE B 100 -25.07 -0.82 -12.38
C ILE B 100 -24.39 -1.91 -11.52
N ASP B 101 -24.87 -3.15 -11.61
CA ASP B 101 -24.26 -4.25 -10.89
C ASP B 101 -23.17 -4.95 -11.65
N GLY B 102 -22.90 -4.49 -12.87
CA GLY B 102 -21.82 -5.03 -13.67
C GLY B 102 -22.19 -6.26 -14.47
N ILE B 103 -23.36 -6.84 -14.21
CA ILE B 103 -23.78 -8.08 -14.88
C ILE B 103 -25.28 -8.08 -15.15
N GLY B 104 -25.75 -7.00 -15.75
CA GLY B 104 -27.04 -7.03 -16.42
C GLY B 104 -28.22 -6.53 -15.60
N ASP B 105 -28.00 -6.21 -14.33
CA ASP B 105 -29.03 -5.62 -13.48
C ASP B 105 -30.34 -6.43 -13.42
N LYS B 106 -30.23 -7.73 -13.16
CA LYS B 106 -31.41 -8.56 -12.92
C LYS B 106 -31.16 -9.49 -11.76
N PRO B 107 -31.20 -8.94 -10.54
CA PRO B 107 -30.81 -9.67 -9.34
C PRO B 107 -31.78 -10.79 -8.95
N GLU B 108 -32.97 -10.80 -9.54
CA GLU B 108 -33.98 -11.80 -9.20
C GLU B 108 -33.90 -13.03 -10.09
N GLU B 109 -33.16 -12.96 -11.19
CA GLU B 109 -33.01 -14.11 -12.06
C GLU B 109 -32.00 -15.09 -11.46
N PHE B 110 -32.12 -16.35 -11.84
CA PHE B 110 -31.23 -17.39 -11.32
C PHE B 110 -29.78 -17.09 -11.62
N PRO B 111 -28.89 -17.35 -10.64
CA PRO B 111 -29.22 -17.52 -9.23
C PRO B 111 -29.55 -16.19 -8.61
N LYS B 112 -30.63 -16.14 -7.83
CA LYS B 112 -31.04 -14.85 -7.29
C LYS B 112 -29.98 -14.35 -6.30
N VAL B 113 -29.79 -13.04 -6.27
CA VAL B 113 -28.86 -12.38 -5.36
C VAL B 113 -29.34 -12.49 -3.90
N GLU B 114 -28.40 -12.89 -3.03
CA GLU B 114 -28.66 -12.97 -1.58
C GLU B 114 -27.84 -11.91 -0.84
N ARG B 115 -28.31 -11.48 0.34
CA ARG B 115 -27.61 -10.43 1.06
C ARG B 115 -26.21 -10.89 1.46
N SER B 116 -26.07 -12.19 1.73
CA SER B 116 -24.76 -12.73 2.12
C SER B 116 -23.72 -12.74 0.99
N ASP B 117 -24.15 -12.54 -0.25
CA ASP B 117 -23.24 -12.48 -1.39
C ASP B 117 -22.24 -11.33 -1.23
N PHE B 118 -22.64 -10.28 -0.51
CA PHE B 118 -21.82 -9.05 -0.44
C PHE B 118 -20.74 -9.13 0.64
N GLU B 119 -20.71 -10.26 1.33
CA GLU B 119 -19.71 -10.51 2.36
C GLU B 119 -18.69 -11.51 1.85
N GLY B 120 -17.46 -11.33 2.29
CA GLY B 120 -16.42 -12.26 1.97
C GLY B 120 -16.20 -13.29 3.06
N GLU B 121 -15.22 -14.14 2.85
CA GLU B 121 -14.91 -15.21 3.80
C GLU B 121 -14.49 -14.65 5.17
N GLY B 122 -13.97 -13.44 5.19
CA GLY B 122 -13.54 -12.82 6.45
C GLY B 122 -12.21 -12.09 6.28
N LYS B 123 -11.13 -12.81 6.04
CA LYS B 123 -9.83 -12.15 5.95
C LYS B 123 -9.66 -11.42 4.64
N HIS B 124 -8.97 -10.30 4.74
CA HIS B 124 -8.75 -9.47 3.58
C HIS B 124 -8.08 -10.30 2.48
N ALA B 125 -8.47 -10.06 1.22
CA ALA B 125 -7.89 -10.77 0.09
C ALA B 125 -6.37 -10.76 0.08
N SER B 126 -5.75 -9.64 0.43
CA SER B 126 -4.30 -9.56 0.34
C SER B 126 -3.63 -10.52 1.33
N LEU B 127 -4.20 -10.63 2.54
CA LEU B 127 -3.71 -11.58 3.51
C LEU B 127 -3.96 -13.02 3.05
N ALA B 128 -5.10 -13.25 2.40
CA ALA B 128 -5.42 -14.56 1.84
C ALA B 128 -4.45 -14.95 0.73
N LEU B 129 -4.10 -14.00 -0.13
CA LEU B 129 -3.14 -14.31 -1.20
C LEU B 129 -1.80 -14.77 -0.64
N ILE B 130 -1.33 -14.12 0.42
CA ILE B 130 -0.09 -14.51 1.08
C ILE B 130 -0.21 -15.92 1.62
N ASP B 131 -1.23 -16.18 2.40
CA ASP B 131 -1.38 -17.48 3.04
C ASP B 131 -1.52 -18.60 2.01
N ILE B 132 -2.42 -18.41 1.05
CA ILE B 132 -2.74 -19.47 0.11
C ILE B 132 -1.56 -19.80 -0.77
N LEU B 133 -0.86 -18.77 -1.23
CA LEU B 133 0.22 -19.01 -2.14
C LEU B 133 1.51 -19.44 -1.43
N ARG B 134 1.69 -19.07 -0.17
CA ARG B 134 2.78 -19.63 0.61
C ARG B 134 2.70 -21.16 0.66
N GLU B 135 1.48 -21.67 0.84
CA GLU B 135 1.27 -23.10 0.99
C GLU B 135 1.10 -23.82 -0.36
N ASN B 136 0.85 -23.07 -1.42
CA ASN B 136 0.64 -23.64 -2.74
C ASN B 136 1.55 -22.94 -3.73
N ARG B 137 2.83 -23.30 -3.68
CA ARG B 137 3.85 -22.64 -4.47
C ARG B 137 3.85 -23.09 -5.94
N ASP B 138 3.01 -24.06 -6.22
CA ASP B 138 2.81 -24.51 -7.59
C ASP B 138 1.61 -23.88 -8.29
N ALA B 139 0.97 -22.90 -7.65
CA ALA B 139 -0.27 -22.30 -8.18
C ALA B 139 0.07 -21.12 -9.09
N THR B 140 -0.83 -20.82 -10.02
CA THR B 140 -0.79 -19.62 -10.85
C THR B 140 -1.78 -18.60 -10.34
N LEU B 141 -1.33 -17.35 -10.22
CA LEU B 141 -2.19 -16.25 -9.87
C LEU B 141 -2.60 -15.56 -11.16
N VAL B 142 -3.90 -15.34 -11.36
CA VAL B 142 -4.42 -14.67 -12.54
C VAL B 142 -5.12 -13.40 -12.09
N THR B 143 -4.77 -12.26 -12.68
CA THR B 143 -5.40 -11.00 -12.32
C THR B 143 -6.18 -10.47 -13.51
N ILE B 144 -7.45 -10.17 -13.27
CA ILE B 144 -8.31 -9.66 -14.32
C ILE B 144 -9.07 -8.37 -13.89
N GLY B 145 -8.53 -7.75 -12.85
CA GLY B 145 -8.90 -6.39 -12.50
C GLY B 145 -7.67 -5.56 -12.20
N PRO B 146 -7.87 -4.40 -11.60
CA PRO B 146 -6.71 -3.61 -11.12
C PRO B 146 -5.85 -4.44 -10.19
N LEU B 147 -4.59 -4.05 -10.03
CA LEU B 147 -3.62 -4.88 -9.33
C LEU B 147 -3.48 -4.57 -7.83
N THR B 148 -4.43 -3.82 -7.27
CA THR B 148 -4.32 -3.34 -5.90
C THR B 148 -4.10 -4.45 -4.85
N ASN B 149 -4.84 -5.55 -4.95
CA ASN B 149 -4.69 -6.56 -3.91
C ASN B 149 -3.27 -7.13 -3.91
N VAL B 150 -2.74 -7.37 -5.11
CA VAL B 150 -1.43 -7.99 -5.27
C VAL B 150 -0.37 -7.04 -4.74
N ALA B 151 -0.53 -5.75 -5.02
CA ALA B 151 0.40 -4.76 -4.52
C ALA B 151 0.39 -4.62 -3.01
N ILE B 152 -0.79 -4.68 -2.39
CA ILE B 152 -0.87 -4.64 -0.92
C ILE B 152 -0.17 -5.85 -0.33
N ALA B 153 -0.34 -7.02 -0.94
CA ALA B 153 0.35 -8.21 -0.48
C ALA B 153 1.86 -7.99 -0.46
N LEU B 154 2.40 -7.41 -1.53
CA LEU B 154 3.83 -7.16 -1.58
C LEU B 154 4.27 -6.15 -0.52
N GLN B 155 3.45 -5.14 -0.26
CA GLN B 155 3.81 -4.17 0.76
C GLN B 155 3.91 -4.82 2.12
N LEU B 156 3.06 -5.83 2.39
CA LEU B 156 3.07 -6.55 3.67
C LEU B 156 4.17 -7.60 3.77
N CYS B 157 4.58 -8.15 2.65
CA CYS B 157 5.42 -9.34 2.64
C CYS B 157 6.26 -9.42 1.36
N GLU B 158 7.51 -8.93 1.40
CA GLU B 158 8.27 -8.90 0.14
C GLU B 158 8.56 -10.31 -0.41
N GLU B 159 8.54 -11.31 0.45
CA GLU B 159 8.75 -12.73 0.09
CA GLU B 159 8.78 -12.69 0.06
C GLU B 159 7.65 -13.24 -0.83
N PHE B 160 6.50 -12.58 -0.78
CA PHE B 160 5.38 -12.92 -1.64
C PHE B 160 5.76 -12.84 -3.13
N SER B 161 6.76 -12.03 -3.43
CA SER B 161 7.34 -11.92 -4.76
C SER B 161 7.69 -13.25 -5.41
N THR B 162 7.97 -14.24 -4.60
CA THR B 162 8.41 -15.57 -5.06
C THR B 162 7.34 -16.67 -4.90
N TYR B 163 6.19 -16.33 -4.32
CA TYR B 163 5.21 -17.37 -3.95
C TYR B 163 4.47 -18.01 -5.13
N PRO B 164 3.79 -17.23 -5.96
CA PRO B 164 3.18 -17.89 -7.15
C PRO B 164 4.23 -18.57 -8.07
N SER B 165 3.85 -19.65 -8.74
CA SER B 165 4.74 -20.19 -9.76
C SER B 165 4.73 -19.38 -11.03
N ARG B 166 3.65 -18.64 -11.24
CA ARG B 166 3.47 -17.81 -12.44
C ARG B 166 2.38 -16.79 -12.15
N LEU B 167 2.47 -15.63 -12.78
CA LEU B 167 1.46 -14.58 -12.68
C LEU B 167 0.99 -14.25 -14.09
N VAL B 168 -0.32 -14.36 -14.34
CA VAL B 168 -0.89 -14.02 -15.63
C VAL B 168 -1.78 -12.82 -15.45
N ILE B 169 -1.44 -11.73 -16.13
CA ILE B 169 -2.08 -10.44 -15.93
C ILE B 169 -2.85 -10.06 -17.17
N MET B 170 -4.13 -9.76 -17.02
CA MET B 170 -4.90 -9.09 -18.04
CA MET B 170 -4.86 -9.07 -18.09
C MET B 170 -4.76 -7.58 -17.83
N GLY B 171 -3.99 -6.91 -18.66
CA GLY B 171 -3.86 -5.49 -18.50
C GLY B 171 -2.58 -5.01 -19.14
N GLY B 172 -2.41 -3.70 -19.13
CA GLY B 172 -1.24 -3.10 -19.72
C GLY B 172 -1.31 -3.06 -21.23
N ASN B 173 -0.18 -2.67 -21.79
CA ASN B 173 -0.02 -2.45 -23.23
C ASN B 173 1.47 -2.49 -23.52
N TYR B 174 1.84 -2.57 -24.80
CA TYR B 174 3.25 -2.55 -25.18
C TYR B 174 3.58 -1.60 -26.32
N TYR B 175 2.55 -1.03 -26.96
CA TYR B 175 2.71 0.02 -27.99
C TYR B 175 1.95 1.29 -27.58
N ALA B 176 1.69 1.43 -26.28
CA ALA B 176 1.04 2.61 -25.73
C ALA B 176 -0.35 2.87 -26.32
N VAL B 177 -1.07 1.81 -26.64
CA VAL B 177 -2.44 1.92 -27.08
C VAL B 177 -3.36 1.84 -25.87
N GLY B 178 -4.02 2.94 -25.55
CA GLY B 178 -4.91 3.02 -24.38
C GLY B 178 -6.33 2.63 -24.78
N ASN B 179 -7.14 2.30 -23.78
CA ASN B 179 -8.53 1.96 -24.02
C ASN B 179 -9.49 2.57 -23.00
N VAL B 180 -9.07 3.67 -22.39
CA VAL B 180 -9.93 4.32 -21.39
C VAL B 180 -10.57 5.58 -21.94
N ASP B 181 -9.75 6.52 -22.38
CA ASP B 181 -10.26 7.68 -23.07
C ASP B 181 -9.12 8.40 -23.77
N GLY B 182 -9.44 9.46 -24.49
CA GLY B 182 -8.43 10.16 -25.28
C GLY B 182 -7.42 10.94 -24.44
N GLY B 183 -7.66 11.06 -23.15
CA GLY B 183 -6.72 11.76 -22.28
C GLY B 183 -5.54 10.90 -21.79
N SER B 184 -5.55 9.62 -22.15
CA SER B 184 -4.63 8.68 -21.53
C SER B 184 -4.14 7.61 -22.51
N SER B 185 -2.87 7.19 -22.36
CA SER B 185 -2.36 6.05 -23.06
C SER B 185 -2.35 4.79 -22.22
N ALA B 186 -3.07 4.79 -21.12
CA ALA B 186 -3.15 3.64 -20.23
C ALA B 186 -4.28 2.68 -20.61
N GLU B 187 -4.02 1.40 -20.39
CA GLU B 187 -5.05 0.37 -20.43
C GLU B 187 -5.87 0.40 -19.13
N TYR B 188 -7.10 -0.07 -19.21
CA TYR B 188 -8.10 0.08 -18.17
C TYR B 188 -7.67 -0.41 -16.74
N ASN B 189 -7.26 -1.66 -16.61
CA ASN B 189 -6.91 -2.20 -15.31
C ASN B 189 -5.71 -1.47 -14.71
N PHE B 190 -4.75 -1.10 -15.57
CA PHE B 190 -3.61 -0.35 -15.08
C PHE B 190 -3.97 1.09 -14.71
N HIS B 191 -4.85 1.71 -15.48
CA HIS B 191 -5.37 3.04 -15.19
C HIS B 191 -6.02 3.09 -13.83
N GLY B 192 -6.70 1.99 -13.46
CA GLY B 192 -7.41 1.93 -12.21
C GLY B 192 -6.53 1.93 -10.96
N ASP B 193 -5.28 1.57 -11.11
CA ASP B 193 -4.31 1.71 -10.02
C ASP B 193 -2.89 1.64 -10.55
N PRO B 194 -2.41 2.79 -11.04
CA PRO B 194 -1.08 2.81 -11.66
C PRO B 194 0.03 2.42 -10.68
N GLU B 195 -0.06 2.89 -9.43
CA GLU B 195 0.98 2.57 -8.45
C GLU B 195 1.02 1.05 -8.22
N ALA B 196 -0.14 0.43 -8.19
CA ALA B 196 -0.17 -1.01 -7.99
C ALA B 196 0.53 -1.75 -9.13
N ALA B 197 0.24 -1.34 -10.37
CA ALA B 197 0.89 -1.97 -11.52
C ALA B 197 2.40 -1.79 -11.46
N SER B 198 2.85 -0.60 -11.08
CA SER B 198 4.29 -0.35 -10.96
C SER B 198 4.93 -1.29 -9.93
N ILE B 199 4.30 -1.42 -8.76
CA ILE B 199 4.83 -2.27 -7.71
C ILE B 199 4.92 -3.72 -8.18
N VAL B 200 3.83 -4.23 -8.78
CA VAL B 200 3.79 -5.63 -9.19
C VAL B 200 4.83 -5.92 -10.27
N LEU B 201 4.93 -5.08 -11.30
CA LEU B 201 5.84 -5.39 -12.40
C LEU B 201 7.30 -5.26 -12.01
N ARG B 202 7.61 -4.43 -11.02
CA ARG B 202 8.98 -4.24 -10.58
C ARG B 202 9.39 -5.28 -9.54
N ARG B 203 8.44 -5.70 -8.70
CA ARG B 203 8.77 -6.43 -7.48
C ARG B 203 8.38 -7.90 -7.42
N MET B 204 7.52 -8.36 -8.30
CA MET B 204 7.32 -9.81 -8.44
C MET B 204 8.53 -10.46 -9.09
N LYS B 205 8.89 -11.64 -8.62
CA LYS B 205 10.06 -12.32 -9.13
C LYS B 205 9.74 -13.61 -9.88
N CYS B 206 8.48 -14.01 -9.87
CA CYS B 206 8.07 -15.16 -10.63
C CYS B 206 7.91 -14.79 -12.11
N PRO B 207 7.82 -15.78 -12.97
CA PRO B 207 7.50 -15.49 -14.38
C PRO B 207 6.16 -14.78 -14.52
N ILE B 208 6.16 -13.75 -15.36
CA ILE B 208 4.97 -12.92 -15.60
C ILE B 208 4.59 -12.99 -17.06
N THR B 209 3.33 -13.33 -17.32
CA THR B 209 2.76 -13.30 -18.67
C THR B 209 1.68 -12.24 -18.65
N ILE B 210 1.78 -11.28 -19.56
CA ILE B 210 0.79 -10.21 -19.67
C ILE B 210 0.04 -10.39 -20.97
N VAL B 211 -1.27 -10.20 -20.89
CA VAL B 211 -2.11 -10.18 -22.08
C VAL B 211 -2.52 -8.71 -22.32
N PRO B 212 -1.77 -8.04 -23.19
CA PRO B 212 -1.88 -6.59 -23.35
C PRO B 212 -3.11 -6.19 -24.18
N TRP B 213 -3.49 -4.92 -24.10
CA TRP B 213 -4.62 -4.47 -24.89
C TRP B 213 -4.42 -4.63 -26.40
N GLU B 214 -3.20 -4.44 -26.89
CA GLU B 214 -2.97 -4.55 -28.34
C GLU B 214 -3.37 -5.92 -28.92
N ALA B 215 -3.26 -6.98 -28.11
CA ALA B 215 -3.64 -8.31 -28.58
C ALA B 215 -5.11 -8.34 -28.98
N PHE B 216 -5.92 -7.56 -28.28
CA PHE B 216 -7.33 -7.42 -28.63
C PHE B 216 -7.57 -6.41 -29.71
N TYR B 217 -6.87 -5.29 -29.65
CA TYR B 217 -7.19 -4.18 -30.49
C TYR B 217 -6.91 -4.49 -31.95
N PHE B 218 -5.73 -5.06 -32.24
CA PHE B 218 -5.28 -5.16 -33.60
C PHE B 218 -6.06 -6.17 -34.44
N GLU B 219 -6.57 -7.18 -33.78
CA GLU B 219 -7.26 -8.27 -34.46
C GLU B 219 -8.77 -8.20 -34.23
N SER B 220 -9.25 -7.09 -33.67
CA SER B 220 -10.67 -6.90 -33.36
CA SER B 220 -10.67 -6.94 -33.35
C SER B 220 -11.55 -7.16 -34.58
N LYS B 221 -11.23 -6.50 -35.68
CA LYS B 221 -12.10 -6.56 -36.88
C LYS B 221 -12.06 -7.92 -37.60
N THR B 222 -10.89 -8.55 -37.63
CA THR B 222 -10.75 -9.90 -38.15
C THR B 222 -11.58 -10.90 -37.36
N HIS B 223 -11.44 -10.87 -36.04
CA HIS B 223 -12.22 -11.77 -35.17
C HIS B 223 -13.71 -11.53 -35.35
N ASP B 224 -14.11 -10.27 -35.40
CA ASP B 224 -15.52 -9.91 -35.50
C ASP B 224 -16.13 -10.53 -36.78
N ALA B 225 -15.31 -10.73 -37.81
CA ALA B 225 -15.77 -11.33 -39.06
C ALA B 225 -15.82 -12.87 -39.03
N SER B 226 -14.97 -13.50 -38.22
CA SER B 226 -14.80 -14.96 -38.32
C SER B 226 -15.41 -15.75 -37.14
N VAL B 227 -15.77 -15.06 -36.05
CA VAL B 227 -16.29 -15.73 -34.85
C VAL B 227 -17.63 -15.15 -34.44
N ASP B 228 -18.60 -16.02 -34.18
CA ASP B 228 -19.87 -15.62 -33.59
C ASP B 228 -19.74 -15.69 -32.07
N PHE B 229 -19.55 -14.54 -31.44
CA PHE B 229 -19.26 -14.46 -30.03
C PHE B 229 -20.50 -14.67 -29.17
N SER B 230 -21.65 -14.87 -29.81
CA SER B 230 -22.90 -15.10 -29.09
C SER B 230 -23.34 -16.55 -29.12
N ALA B 231 -22.80 -17.34 -30.06
CA ALA B 231 -23.32 -18.68 -30.28
C ALA B 231 -23.30 -19.57 -29.03
N HIS B 232 -22.28 -19.45 -28.18
CA HIS B 232 -22.19 -20.31 -26.97
C HIS B 232 -23.28 -19.99 -25.94
N LEU B 233 -24.01 -18.90 -26.13
CA LEU B 233 -25.06 -18.50 -25.20
C LEU B 233 -26.41 -19.15 -25.51
N LYS B 234 -26.49 -19.90 -26.60
CA LYS B 234 -27.78 -20.31 -27.22
C LYS B 234 -28.33 -21.64 -26.70
N TYR B 235 -27.56 -22.34 -25.88
CA TYR B 235 -27.88 -23.72 -25.48
C TYR B 235 -29.06 -23.82 -24.53
N GLY B 236 -29.37 -22.77 -23.79
CA GLY B 236 -30.57 -22.88 -22.93
C GLY B 236 -30.37 -23.75 -21.68
N THR B 237 -29.11 -24.06 -21.35
CA THR B 237 -28.72 -24.55 -20.02
C THR B 237 -28.74 -23.41 -19.00
N PRO B 238 -28.74 -23.75 -17.69
CA PRO B 238 -28.74 -22.69 -16.71
C PRO B 238 -27.50 -21.78 -16.85
N LEU B 239 -26.36 -22.35 -17.18
CA LEU B 239 -25.14 -21.53 -17.28
C LEU B 239 -25.24 -20.63 -18.50
N ALA B 240 -25.70 -21.18 -19.62
CA ALA B 240 -25.88 -20.35 -20.82
C ALA B 240 -26.84 -19.19 -20.55
N ASN B 241 -27.94 -19.45 -19.86
CA ASN B 241 -28.89 -18.36 -19.54
C ASN B 241 -28.32 -17.33 -18.57
N TYR B 242 -27.50 -17.78 -17.62
CA TYR B 242 -26.85 -16.87 -16.69
C TYR B 242 -25.83 -15.99 -17.41
N LEU B 243 -25.06 -16.59 -18.32
CA LEU B 243 -24.05 -15.79 -19.04
C LEU B 243 -24.72 -14.86 -20.05
N SER B 244 -25.89 -15.25 -20.54
CA SER B 244 -26.68 -14.37 -21.40
CA SER B 244 -26.66 -14.37 -21.39
C SER B 244 -27.11 -13.13 -20.64
N LEU B 245 -27.60 -13.32 -19.43
CA LEU B 245 -27.96 -12.21 -18.55
C LEU B 245 -26.74 -11.35 -18.24
N ALA B 246 -25.65 -11.99 -17.85
CA ALA B 246 -24.49 -11.28 -17.33
C ALA B 246 -23.91 -10.36 -18.40
N THR B 247 -24.02 -10.77 -19.67
CA THR B 247 -23.41 -10.07 -20.81
C THR B 247 -24.42 -9.20 -21.59
N SER B 248 -25.67 -9.20 -21.16
CA SER B 248 -26.76 -8.64 -21.92
C SER B 248 -26.57 -7.18 -22.28
N ILE B 249 -26.17 -6.36 -21.32
CA ILE B 249 -26.13 -4.91 -21.54
C ILE B 249 -24.91 -4.58 -22.39
N GLY B 250 -23.80 -5.27 -22.14
CA GLY B 250 -22.67 -5.16 -23.03
C GLY B 250 -22.99 -5.49 -24.47
N ARG B 251 -23.65 -6.62 -24.68
CA ARG B 251 -23.97 -7.05 -26.04
C ARG B 251 -24.84 -6.03 -26.78
N VAL B 252 -25.84 -5.48 -26.09
CA VAL B 252 -26.76 -4.52 -26.70
C VAL B 252 -26.04 -3.22 -27.08
N LYS B 253 -25.14 -2.77 -26.21
CA LYS B 253 -24.39 -1.55 -26.45
C LYS B 253 -23.35 -1.70 -27.56
N CYS B 254 -22.71 -2.86 -27.65
CA CYS B 254 -21.78 -3.12 -28.74
C CYS B 254 -22.49 -3.25 -30.07
N GLU B 255 -23.63 -3.93 -30.07
CA GLU B 255 -24.37 -4.17 -31.32
C GLU B 255 -24.93 -2.86 -31.87
N ALA B 256 -25.24 -1.92 -30.97
CA ALA B 256 -25.77 -0.63 -31.39
C ALA B 256 -24.71 0.15 -32.16
N ASN B 257 -23.44 -0.19 -31.91
CA ASN B 257 -22.30 0.46 -32.57
C ASN B 257 -21.65 -0.38 -33.66
N GLY B 258 -22.34 -1.43 -34.08
CA GLY B 258 -21.93 -2.23 -35.24
C GLY B 258 -20.90 -3.33 -34.93
N ARG B 259 -20.74 -3.67 -33.65
CA ARG B 259 -19.69 -4.60 -33.24
C ARG B 259 -20.26 -5.70 -32.34
N GLN B 260 -19.62 -6.85 -32.30
CA GLN B 260 -19.94 -7.86 -31.30
C GLN B 260 -19.23 -7.55 -29.99
N TYR B 261 -19.85 -7.94 -28.90
CA TYR B 261 -19.18 -7.98 -27.62
C TYR B 261 -18.27 -9.21 -27.59
N SER B 262 -16.97 -8.95 -27.57
CA SER B 262 -16.01 -9.99 -27.77
C SER B 262 -15.29 -10.32 -26.46
N TYR B 263 -14.55 -11.41 -26.49
CA TYR B 263 -13.84 -11.87 -25.29
C TYR B 263 -12.74 -10.93 -24.91
N CYS B 264 -12.53 -10.78 -23.60
CA CYS B 264 -11.39 -10.06 -23.08
CA CYS B 264 -11.43 -10.02 -23.07
C CYS B 264 -10.78 -10.81 -21.92
N ASP B 265 -11.32 -10.69 -20.70
CA ASP B 265 -10.75 -11.41 -19.56
C ASP B 265 -10.66 -12.92 -19.74
N GLU B 266 -11.58 -13.49 -20.50
CA GLU B 266 -11.61 -14.90 -20.77
C GLU B 266 -10.26 -15.35 -21.32
N ILE B 267 -9.60 -14.50 -22.09
CA ILE B 267 -8.36 -14.91 -22.71
C ILE B 267 -7.27 -15.06 -21.66
N ALA B 268 -7.24 -14.23 -20.63
CA ALA B 268 -6.24 -14.37 -19.59
C ALA B 268 -6.45 -15.65 -18.79
N VAL B 269 -7.68 -15.98 -18.46
CA VAL B 269 -7.94 -17.23 -17.80
C VAL B 269 -7.59 -18.44 -18.65
N ALA B 270 -7.90 -18.39 -19.95
CA ALA B 270 -7.55 -19.49 -20.84
C ALA B 270 -6.04 -19.65 -20.92
N THR B 271 -5.31 -18.54 -20.99
CA THR B 271 -3.86 -18.54 -21.05
C THR B 271 -3.27 -19.18 -19.80
N ALA B 272 -3.88 -18.94 -18.66
CA ALA B 272 -3.42 -19.58 -17.42
C ALA B 272 -3.64 -21.08 -17.43
N ILE B 273 -4.70 -21.54 -18.07
CA ILE B 273 -5.00 -22.97 -18.15
C ILE B 273 -4.08 -23.71 -19.11
N ASP B 274 -3.79 -23.10 -20.28
CA ASP B 274 -2.89 -23.74 -21.24
C ASP B 274 -2.21 -22.69 -22.10
N GLU B 275 -1.12 -22.17 -21.57
CA GLU B 275 -0.43 -21.04 -22.16
C GLU B 275 0.14 -21.39 -23.53
N ASP B 276 0.61 -22.63 -23.71
CA ASP B 276 1.22 -23.04 -24.98
C ASP B 276 0.16 -23.11 -26.10
N LYS B 277 -1.06 -23.43 -25.74
CA LYS B 277 -2.12 -23.55 -26.73
C LYS B 277 -2.65 -22.16 -27.09
N ILE B 278 -2.88 -21.32 -26.08
CA ILE B 278 -3.64 -20.09 -26.31
C ILE B 278 -2.76 -18.95 -26.82
N ALA B 279 -1.52 -18.88 -26.35
CA ALA B 279 -0.56 -17.85 -26.76
C ALA B 279 0.18 -18.25 -27.99
N LYS B 280 -0.32 -17.79 -29.14
CA LYS B 280 0.24 -18.19 -30.40
C LYS B 280 1.56 -17.46 -30.72
N LYS B 281 1.64 -16.18 -30.34
CA LYS B 281 2.85 -15.40 -30.53
C LYS B 281 3.07 -14.55 -29.30
N SER B 282 4.34 -14.39 -28.95
CA SER B 282 4.74 -13.71 -27.72
CA SER B 282 4.70 -13.62 -27.78
C SER B 282 6.04 -12.93 -27.97
N GLN B 283 6.24 -11.91 -27.18
CA GLN B 283 7.47 -11.11 -27.18
C GLN B 283 7.87 -10.99 -25.72
N TYR B 284 9.19 -10.95 -25.48
CA TYR B 284 9.71 -10.80 -24.14
C TYR B 284 10.39 -9.46 -24.06
N LEU B 285 9.94 -8.62 -23.12
CA LEU B 285 10.34 -7.22 -23.06
C LEU B 285 10.69 -6.81 -21.64
N TYR B 286 11.61 -5.87 -21.52
CA TYR B 286 11.83 -5.17 -20.26
C TYR B 286 10.94 -3.96 -20.17
N VAL B 287 10.16 -3.89 -19.09
CA VAL B 287 9.14 -2.88 -18.94
C VAL B 287 9.14 -2.17 -17.59
N ASP B 288 8.48 -1.03 -17.55
CA ASP B 288 8.17 -0.35 -16.31
C ASP B 288 6.85 0.37 -16.54
N VAL B 289 6.34 1.05 -15.54
CA VAL B 289 5.05 1.76 -15.63
C VAL B 289 5.25 3.24 -15.28
N GLU B 290 4.81 4.10 -16.18
CA GLU B 290 4.91 5.56 -15.93
C GLU B 290 3.85 5.98 -14.92
N LEU B 291 4.29 6.79 -13.94
CA LEU B 291 3.39 7.27 -12.92
C LEU B 291 3.10 8.74 -13.00
N ASN B 292 4.02 9.52 -13.55
CA ASN B 292 4.00 10.97 -13.39
C ASN B 292 3.52 11.74 -14.62
N GLY B 293 3.41 11.13 -15.76
CA GLY B 293 3.02 11.85 -16.96
C GLY B 293 1.61 12.37 -16.89
N THR B 294 1.33 13.42 -17.63
CA THR B 294 0.00 13.99 -17.68
C THR B 294 -0.91 13.08 -18.52
N LYS B 295 -0.42 12.63 -19.68
CA LYS B 295 -1.20 11.80 -20.55
C LYS B 295 -0.78 10.33 -20.49
N THR B 296 0.36 10.05 -19.88
CA THR B 296 0.94 8.70 -19.95
C THR B 296 0.97 7.98 -18.61
N ARG B 297 0.34 8.56 -17.60
CA ARG B 297 0.23 7.86 -16.32
C ARG B 297 -0.49 6.52 -16.53
N GLY B 298 0.13 5.44 -16.06
CA GLY B 298 -0.42 4.12 -16.20
C GLY B 298 0.05 3.36 -17.44
N GLN B 299 0.67 4.07 -18.38
CA GLN B 299 1.22 3.43 -19.59
C GLN B 299 2.39 2.55 -19.23
N VAL B 300 2.50 1.41 -19.88
CA VAL B 300 3.73 0.61 -19.84
C VAL B 300 4.75 1.28 -20.71
N VAL B 301 5.98 1.37 -20.22
CA VAL B 301 7.08 1.88 -21.00
C VAL B 301 8.06 0.75 -21.26
N VAL B 302 8.38 0.52 -22.53
CA VAL B 302 9.18 -0.63 -22.93
C VAL B 302 10.57 -0.16 -23.30
N ASP B 303 11.58 -0.92 -22.93
CA ASP B 303 12.93 -0.64 -23.39
C ASP B 303 13.20 -1.36 -24.72
N TRP B 304 13.05 -0.65 -25.82
CA TRP B 304 13.27 -1.21 -27.16
C TRP B 304 14.70 -1.07 -27.68
N THR B 305 15.59 -0.54 -26.86
CA THR B 305 16.94 -0.22 -27.35
C THR B 305 17.90 -1.35 -27.06
N GLU B 306 17.45 -2.33 -26.27
CA GLU B 306 18.09 -3.65 -26.27
C GLU B 306 17.58 -4.52 -27.42
N HIS B 320 16.38 -6.75 -12.93
CA HIS B 320 15.15 -6.81 -13.72
C HIS B 320 15.09 -8.05 -14.65
N ARG B 321 13.85 -8.49 -14.88
CA ARG B 321 13.55 -9.74 -15.61
C ARG B 321 12.59 -9.39 -16.75
N ARG B 322 12.84 -9.92 -17.96
CA ARG B 322 11.88 -9.67 -19.06
C ARG B 322 10.52 -10.26 -18.70
N VAL B 323 9.46 -9.62 -19.19
CA VAL B 323 8.12 -10.08 -19.02
C VAL B 323 7.63 -10.59 -20.36
N LYS B 324 6.81 -11.62 -20.35
CA LYS B 324 6.28 -12.18 -21.60
C LYS B 324 4.94 -11.52 -21.94
N PHE B 325 4.85 -10.94 -23.14
CA PHE B 325 3.61 -10.38 -23.64
C PHE B 325 3.03 -11.30 -24.68
N VAL B 326 1.76 -11.65 -24.51
CA VAL B 326 1.05 -12.40 -25.54
C VAL B 326 0.58 -11.43 -26.61
N THR B 327 1.10 -11.56 -27.81
CA THR B 327 0.77 -10.61 -28.87
C THR B 327 -0.32 -11.11 -29.82
N SER B 328 -0.58 -12.42 -29.82
CA SER B 328 -1.65 -12.98 -30.61
C SER B 328 -2.15 -14.24 -29.90
N TYR B 329 -3.46 -14.35 -29.76
CA TYR B 329 -4.04 -15.48 -29.04
C TYR B 329 -4.98 -16.26 -29.94
N ASP B 330 -5.24 -17.50 -29.56
CA ASP B 330 -6.08 -18.42 -30.33
C ASP B 330 -7.54 -18.26 -29.89
N VAL B 331 -8.25 -17.36 -30.55
CA VAL B 331 -9.62 -17.06 -30.17
C VAL B 331 -10.54 -18.26 -30.43
N HIS B 332 -10.19 -19.09 -31.41
CA HIS B 332 -11.06 -20.21 -31.77
C HIS B 332 -11.07 -21.29 -30.70
N THR B 333 -9.91 -21.55 -30.10
CA THR B 333 -9.83 -22.48 -28.98
C THR B 333 -10.59 -21.98 -27.77
N VAL B 334 -10.48 -20.68 -27.46
CA VAL B 334 -11.23 -20.11 -26.34
C VAL B 334 -12.73 -20.26 -26.59
N ASP B 335 -13.14 -19.98 -27.81
CA ASP B 335 -14.56 -20.12 -28.20
C ASP B 335 -15.07 -21.55 -28.07
N LYS B 336 -14.26 -22.52 -28.52
CA LYS B 336 -14.60 -23.93 -28.40
C LYS B 336 -14.73 -24.34 -26.93
N TRP B 337 -13.83 -23.84 -26.09
CA TRP B 337 -13.95 -24.11 -24.67
C TRP B 337 -15.20 -23.50 -24.02
N LEU B 338 -15.60 -22.33 -24.49
CA LEU B 338 -16.82 -21.70 -23.95
C LEU B 338 -18.08 -22.45 -24.41
N HIS B 339 -18.07 -22.97 -25.63
CA HIS B 339 -19.18 -23.83 -26.05
C HIS B 339 -19.29 -25.07 -25.18
N ALA B 340 -18.15 -25.68 -24.86
CA ALA B 340 -18.13 -26.88 -24.03
C ALA B 340 -18.65 -26.56 -22.63
N ALA B 341 -18.21 -25.42 -22.09
CA ALA B 341 -18.63 -24.97 -20.76
C ALA B 341 -20.14 -24.78 -20.68
N THR B 342 -20.73 -24.09 -21.65
CA THR B 342 -22.17 -23.76 -21.53
C THR B 342 -23.07 -24.90 -21.97
N SER B 343 -22.60 -25.73 -22.91
CA SER B 343 -23.40 -26.83 -23.42
C SER B 343 -23.38 -28.05 -22.52
N GLY B 344 -22.31 -28.21 -21.75
CA GLY B 344 -22.10 -29.40 -20.94
C GLY B 344 -21.60 -30.62 -21.71
N SER B 345 -20.99 -30.38 -22.86
CA SER B 345 -20.59 -31.44 -23.79
C SER B 345 -19.29 -32.11 -23.43
N GLY B 346 -18.51 -31.46 -22.60
CA GLY B 346 -17.20 -32.00 -22.25
C GLY B 346 -16.15 -31.86 -23.33
N LYS B 347 -16.44 -31.14 -24.41
CA LYS B 347 -15.54 -31.17 -25.57
C LYS B 347 -14.51 -30.05 -25.51
N PHE B 348 -13.55 -30.17 -24.61
CA PHE B 348 -12.49 -29.20 -24.45
C PHE B 348 -11.27 -29.64 -25.26
N ASP B 349 -11.27 -30.91 -25.61
CA ASP B 349 -10.25 -31.56 -26.46
C ASP B 349 -9.01 -31.98 -25.66
CA CA C . 12.85 9.42 13.27
C TRS D . 14.76 12.63 11.75
C1 TRS D . 15.49 11.33 12.02
C2 TRS D . 13.32 12.37 11.31
C3 TRS D . 15.47 13.27 10.56
N TRS D . 14.87 13.58 12.90
O1 TRS D . 14.97 10.52 13.09
O2 TRS D . 12.50 11.90 12.35
O3 TRS D . 15.12 14.64 10.51
CA CA E . -12.15 -7.44 -15.25
C TRS F . -12.15 -5.23 -18.70
C1 TRS F . -10.78 -5.40 -18.03
C2 TRS F . -12.14 -3.87 -19.44
C3 TRS F . -13.34 -5.20 -17.73
N TRS F . -12.34 -6.22 -19.80
O1 TRS F . -10.61 -6.63 -17.34
O2 TRS F . -11.25 -3.99 -20.58
O3 TRS F . -13.52 -6.43 -17.03
#